data_9BEU
#
_entry.id   9BEU
#
_cell.length_a   168.463
_cell.length_b   128.350
_cell.length_c   98.905
_cell.angle_alpha   90.00
_cell.angle_beta   122.15
_cell.angle_gamma   90.00
#
_symmetry.space_group_name_H-M   'C 1 2 1'
#
loop_
_entity.id
_entity.type
_entity.pdbx_description
1 polymer 'Glycoside hydrolase family 110'
2 branched alpha-D-galactopyranose-(1-3)-2-O-sulfo-beta-D-galactopyranose-(1-4)-2,6-di-O-sulfo-alpha-D-galactopyranose-(1-3)-2-O-sulfo-beta-D-galactopyranose
3 non-polymer 'IODIDE ION'
4 non-polymer 'CHLORIDE ION'
5 non-polymer 1,2-ETHANEDIOL
6 non-polymer 'TETRAETHYLENE GLYCOL'
7 water water
#
_entity_poly.entity_id   1
_entity_poly.type   'polypeptide(L)'
_entity_poly.pdbx_seq_one_letter_code
;MGSSHHHHHHSSGLVPRGSHMASNDKVIDVSDFGAIKDTGSDSTHSLYKALQEAKKIGATKITFPKGRYDFYEERAADRL
MYISNNDPGIKRITFPLSSFNNLEIDGNNSTFIFHGGLVPFILDESSHIVLRNFSIDFSRAFHSEALIAGAGKGYLDLKF
TDQFPYKINEAGILKFQSQLFQASGIKNKDRLKRKQISQDEYKYEYKRVLEFNFALREPEYMAQDIFTGNALRAEKLNGG
DVVRIFHPNLKAKVGNILVFQAKHRDYPGVVISDSNNVELHNITIHHAGGMGVIAQRSHNITIKDSKVSPSKGRIVSTTA
DATHFVNCTGKIKLIDNLFESQKNDATNIHGVYAAIDKIIDDKTVEIKLQHPQQFGFDFIAPEDELELVHGASLITYETN
KVVTSTRVSNEVTRVQFIKPFDSRIKEGDSVSKVRSYAEVIIKGNIIRKNRARGMLLNSRGKTLIENNYFHTPGSAILFE
GDANFWFEQGGVSDVTIKNNVFENSFYSQWGKGIIAVDAGIDDKFKETSRYNKNIVIKGNTFKVFDKAPILNLFSVSNLV
FENNIIEKTTEYPERKKYNSLFVINNSDNITISINNILQGFSEGKSQLLSPTTTYKRAKN
;
_entity_poly.pdbx_strand_id   A,B
#
# COMPACT_ATOMS: atom_id res chain seq x y z
N ASP A 25 -36.37 -10.54 4.90
CA ASP A 25 -37.18 -9.31 4.94
C ASP A 25 -36.89 -8.39 3.72
N LYS A 26 -36.18 -7.29 3.95
CA LYS A 26 -35.58 -6.56 2.83
C LYS A 26 -34.24 -7.19 2.49
N VAL A 27 -33.54 -7.66 3.52
CA VAL A 27 -32.19 -8.19 3.41
C VAL A 27 -32.23 -9.64 3.85
N ILE A 28 -31.70 -10.52 3.03
CA ILE A 28 -31.68 -11.95 3.30
C ILE A 28 -30.24 -12.34 3.61
N ASP A 29 -30.04 -12.96 4.76
CA ASP A 29 -28.74 -13.44 5.18
C ASP A 29 -28.60 -14.88 4.75
N VAL A 30 -27.60 -15.16 3.94
CA VAL A 30 -27.46 -16.49 3.36
C VAL A 30 -27.26 -17.56 4.44
N SER A 31 -26.81 -17.17 5.64
CA SER A 31 -26.64 -18.18 6.69
C SER A 31 -27.96 -18.65 7.28
N ASP A 32 -29.03 -17.85 7.13
CA ASP A 32 -30.35 -18.34 7.47
C ASP A 32 -30.82 -19.48 6.56
N PHE A 33 -30.13 -19.74 5.44
CA PHE A 33 -30.52 -20.84 4.57
C PHE A 33 -29.53 -22.01 4.62
N GLY A 34 -28.66 -22.03 5.63
CA GLY A 34 -27.81 -23.19 5.84
C GLY A 34 -26.43 -23.08 5.25
N ALA A 35 -26.10 -22.00 4.54
CA ALA A 35 -24.74 -21.77 4.08
C ALA A 35 -23.89 -21.33 5.26
N ILE A 36 -22.93 -22.16 5.66
CA ILE A 36 -22.09 -21.91 6.82
C ILE A 36 -20.67 -21.65 6.33
N LYS A 37 -20.06 -20.59 6.85
CA LYS A 37 -18.75 -20.16 6.42
C LYS A 37 -17.63 -21.00 7.05
N ASP A 38 -16.51 -21.07 6.34
CA ASP A 38 -15.24 -21.57 6.85
C ASP A 38 -15.22 -23.06 7.10
N THR A 39 -16.31 -23.78 6.81
CA THR A 39 -16.37 -25.23 7.00
C THR A 39 -15.80 -26.01 5.83
N GLY A 40 -15.78 -25.45 4.62
CA GLY A 40 -15.38 -26.18 3.43
C GLY A 40 -16.50 -26.96 2.77
N SER A 41 -17.67 -27.00 3.37
CA SER A 41 -18.80 -27.68 2.76
C SER A 41 -19.33 -26.89 1.58
N ASP A 42 -20.10 -27.58 0.73
CA ASP A 42 -20.73 -26.97 -0.43
C ASP A 42 -21.86 -26.04 0.03
N SER A 43 -21.81 -24.77 -0.38
CA SER A 43 -22.87 -23.82 -0.06
C SER A 43 -23.82 -23.56 -1.23
N THR A 44 -23.74 -24.36 -2.29
CA THR A 44 -24.47 -24.06 -3.53
C THR A 44 -25.99 -24.14 -3.31
N HIS A 45 -26.47 -25.22 -2.68
CA HIS A 45 -27.91 -25.37 -2.55
C HIS A 45 -28.52 -24.34 -1.60
N SER A 46 -27.85 -24.08 -0.47
CA SER A 46 -28.33 -23.02 0.42
C SER A 46 -28.39 -21.69 -0.30
N LEU A 47 -27.35 -21.39 -1.09
CA LEU A 47 -27.35 -20.17 -1.86
C LEU A 47 -28.53 -20.14 -2.81
N TYR A 48 -28.78 -21.26 -3.49
CA TYR A 48 -29.89 -21.31 -4.44
C TYR A 48 -31.21 -20.98 -3.75
N LYS A 49 -31.44 -21.59 -2.57
CA LYS A 49 -32.69 -21.36 -1.84
C LYS A 49 -32.80 -19.92 -1.37
N ALA A 50 -31.68 -19.31 -0.96
CA ALA A 50 -31.75 -17.91 -0.55
C ALA A 50 -32.09 -17.03 -1.75
N LEU A 51 -31.57 -17.37 -2.94
CA LEU A 51 -31.90 -16.61 -4.14
C LEU A 51 -33.38 -16.71 -4.49
N GLN A 52 -33.95 -17.92 -4.43
CA GLN A 52 -35.36 -18.09 -4.79
C GLN A 52 -36.26 -17.36 -3.79
N GLU A 53 -35.89 -17.37 -2.52
CA GLU A 53 -36.65 -16.62 -1.53
C GLU A 53 -36.56 -15.12 -1.79
N ALA A 54 -35.37 -14.62 -2.15
CA ALA A 54 -35.24 -13.21 -2.48
C ALA A 54 -36.14 -12.84 -3.66
N LYS A 55 -36.28 -13.73 -4.64
CA LYS A 55 -37.17 -13.43 -5.76
C LYS A 55 -38.63 -13.56 -5.34
N LYS A 56 -38.95 -14.53 -4.48
CA LYS A 56 -40.33 -14.71 -4.05
C LYS A 56 -40.85 -13.51 -3.28
N ILE A 57 -40.06 -12.99 -2.33
CA ILE A 57 -40.57 -11.96 -1.42
C ILE A 57 -40.24 -10.56 -1.88
N GLY A 58 -39.40 -10.39 -2.90
CA GLY A 58 -39.02 -9.06 -3.30
C GLY A 58 -37.94 -8.43 -2.44
N ALA A 59 -37.06 -9.24 -1.84
CA ALA A 59 -35.91 -8.70 -1.13
C ALA A 59 -34.98 -7.97 -2.11
N THR A 60 -34.22 -7.01 -1.58
CA THR A 60 -33.37 -6.17 -2.40
C THR A 60 -31.89 -6.43 -2.16
N LYS A 61 -31.56 -7.32 -1.25
CA LYS A 61 -30.16 -7.57 -0.91
C LYS A 61 -30.03 -8.96 -0.32
N ILE A 62 -28.90 -9.59 -0.63
CA ILE A 62 -28.44 -10.81 0.03
C ILE A 62 -27.05 -10.54 0.58
N THR A 63 -26.81 -10.93 1.83
CA THR A 63 -25.53 -10.69 2.48
C THR A 63 -24.90 -12.02 2.88
N PHE A 64 -23.57 -12.07 2.82
CA PHE A 64 -22.80 -13.20 3.31
C PHE A 64 -22.07 -12.79 4.57
N PRO A 65 -22.26 -13.44 5.72
CA PRO A 65 -21.33 -13.24 6.83
C PRO A 65 -19.92 -13.49 6.36
N LYS A 66 -19.03 -12.53 6.62
CA LYS A 66 -17.68 -12.58 6.07
C LYS A 66 -16.99 -13.89 6.39
N GLY A 67 -16.53 -14.59 5.35
CA GLY A 67 -15.79 -15.81 5.56
C GLY A 67 -15.45 -16.45 4.25
N ARG A 68 -15.06 -17.72 4.29
CA ARG A 68 -14.75 -18.49 3.10
C ARG A 68 -15.92 -19.40 2.76
N TYR A 69 -16.36 -19.36 1.49
CA TYR A 69 -17.43 -20.21 1.00
C TYR A 69 -16.95 -21.00 -0.22
N ASP A 70 -17.28 -22.28 -0.24
CA ASP A 70 -16.86 -23.18 -1.30
C ASP A 70 -18.06 -23.68 -2.09
N PHE A 71 -17.88 -23.81 -3.41
CA PHE A 71 -18.95 -24.22 -4.30
C PHE A 71 -18.46 -25.32 -5.23
N TYR A 72 -19.26 -26.37 -5.38
CA TYR A 72 -18.93 -27.57 -6.13
C TYR A 72 -19.93 -27.75 -7.28
N GLU A 73 -19.71 -28.79 -8.10
CA GLU A 73 -20.52 -29.00 -9.29
C GLU A 73 -21.82 -29.72 -8.97
N GLU A 74 -21.78 -30.63 -8.00
CA GLU A 74 -22.76 -31.70 -7.89
C GLU A 74 -24.19 -31.18 -7.82
N ARG A 75 -24.42 -30.07 -7.14
CA ARG A 75 -25.77 -29.54 -6.94
C ARG A 75 -26.01 -28.21 -7.64
N ALA A 76 -25.19 -27.84 -8.61
CA ALA A 76 -25.34 -26.58 -9.33
C ALA A 76 -26.36 -26.70 -10.47
N ALA A 77 -27.14 -25.62 -10.67
CA ALA A 77 -28.13 -25.60 -11.75
C ALA A 77 -27.45 -25.61 -13.11
N ASP A 78 -28.02 -26.37 -14.06
CA ASP A 78 -27.47 -26.57 -15.39
C ASP A 78 -28.34 -25.91 -16.45
N ARG A 79 -27.70 -25.21 -17.39
CA ARG A 79 -28.39 -24.37 -18.39
C ARG A 79 -27.55 -24.35 -19.66
N LEU A 80 -28.22 -24.48 -20.81
CA LEU A 80 -27.57 -24.14 -22.07
C LEU A 80 -27.25 -22.65 -22.10
N MET A 81 -26.00 -22.29 -22.46
CA MET A 81 -25.60 -20.90 -22.63
C MET A 81 -24.74 -20.74 -23.88
N TYR A 82 -25.02 -19.70 -24.67
CA TYR A 82 -24.05 -19.18 -25.63
C TYR A 82 -23.44 -17.90 -25.06
N ILE A 83 -22.12 -17.80 -25.06
CA ILE A 83 -21.41 -16.69 -24.41
C ILE A 83 -20.38 -16.17 -25.39
N SER A 84 -20.60 -14.96 -25.88
CA SER A 84 -19.82 -14.44 -27.00
C SER A 84 -18.33 -14.43 -26.66
N ASN A 85 -17.50 -14.81 -27.63
CA ASN A 85 -16.06 -14.84 -27.48
C ASN A 85 -15.60 -15.79 -26.36
N ASN A 86 -16.49 -16.69 -25.94
CA ASN A 86 -16.17 -17.77 -25.01
C ASN A 86 -16.79 -19.08 -25.54
N ASP A 87 -16.65 -20.17 -24.78
CA ASP A 87 -17.11 -21.42 -25.39
C ASP A 87 -18.53 -21.75 -24.95
N PRO A 88 -19.38 -22.17 -25.89
CA PRO A 88 -20.77 -22.51 -25.56
C PRO A 88 -20.89 -23.91 -25.01
N GLY A 89 -22.03 -24.17 -24.35
CA GLY A 89 -22.33 -25.52 -23.90
C GLY A 89 -23.25 -25.51 -22.69
N ILE A 90 -23.30 -26.65 -22.00
CA ILE A 90 -24.01 -26.76 -20.74
C ILE A 90 -23.15 -26.15 -19.66
N LYS A 91 -23.70 -25.19 -18.94
CA LYS A 91 -22.98 -24.56 -17.85
C LYS A 91 -23.63 -24.95 -16.54
N ARG A 92 -22.79 -25.26 -15.56
CA ARG A 92 -23.21 -25.34 -14.18
C ARG A 92 -22.95 -23.98 -13.54
N ILE A 93 -23.98 -23.38 -12.96
CA ILE A 93 -23.92 -21.99 -12.54
C ILE A 93 -24.15 -21.91 -11.04
N THR A 94 -23.23 -21.26 -10.34
CA THR A 94 -23.37 -21.16 -8.89
C THR A 94 -24.36 -20.06 -8.50
N PHE A 95 -24.31 -18.89 -9.17
CA PHE A 95 -25.28 -17.81 -8.97
C PHE A 95 -26.14 -17.65 -10.22
N PRO A 96 -27.19 -18.44 -10.39
CA PRO A 96 -27.95 -18.34 -11.66
C PRO A 96 -28.94 -17.19 -11.62
N LEU A 97 -28.47 -16.00 -11.93
CA LEU A 97 -29.26 -14.79 -11.75
C LEU A 97 -30.02 -14.48 -13.04
N SER A 98 -30.95 -15.35 -13.38
CA SER A 98 -31.79 -15.11 -14.55
C SER A 98 -33.11 -14.50 -14.12
N SER A 99 -33.52 -13.45 -14.84
CA SER A 99 -34.73 -12.70 -14.51
C SER A 99 -34.80 -12.29 -13.04
N PHE A 100 -33.72 -11.70 -12.52
CA PHE A 100 -33.81 -11.02 -11.23
C PHE A 100 -33.90 -9.52 -11.46
N ASN A 101 -34.42 -8.81 -10.47
CA ASN A 101 -34.59 -7.37 -10.57
C ASN A 101 -34.28 -6.73 -9.23
N ASN A 102 -33.48 -5.67 -9.25
CA ASN A 102 -33.30 -4.82 -8.08
C ASN A 102 -32.76 -5.65 -6.90
N LEU A 103 -31.61 -6.31 -7.13
CA LEU A 103 -31.01 -7.22 -6.16
C LEU A 103 -29.51 -6.94 -5.99
N GLU A 104 -29.10 -6.74 -4.75
CA GLU A 104 -27.69 -6.53 -4.42
C GLU A 104 -27.16 -7.75 -3.68
N ILE A 105 -25.97 -8.19 -4.05
CA ILE A 105 -25.29 -9.31 -3.41
C ILE A 105 -24.03 -8.76 -2.79
N ASP A 106 -24.02 -8.63 -1.47
CA ASP A 106 -22.91 -8.06 -0.73
C ASP A 106 -22.22 -9.22 -0.04
N GLY A 107 -20.99 -9.52 -0.46
CA GLY A 107 -20.24 -10.60 0.15
C GLY A 107 -19.47 -10.23 1.39
N ASN A 108 -19.49 -8.95 1.79
CA ASN A 108 -18.77 -8.47 2.99
C ASN A 108 -17.31 -8.90 2.96
N ASN A 109 -16.72 -8.86 1.76
CA ASN A 109 -15.32 -9.24 1.56
C ASN A 109 -15.07 -10.72 1.85
N SER A 110 -16.09 -11.56 1.66
CA SER A 110 -15.92 -13.00 1.71
C SER A 110 -15.06 -13.49 0.55
N THR A 111 -14.60 -14.72 0.65
CA THR A 111 -13.82 -15.37 -0.39
C THR A 111 -14.65 -16.53 -0.96
N PHE A 112 -14.87 -16.52 -2.27
CA PHE A 112 -15.63 -17.57 -2.93
C PHE A 112 -14.65 -18.46 -3.70
N ILE A 113 -14.69 -19.77 -3.44
CA ILE A 113 -13.81 -20.75 -4.08
C ILE A 113 -14.66 -21.75 -4.86
N PHE A 114 -14.37 -21.89 -6.14
CA PHE A 114 -15.16 -22.73 -7.03
C PHE A 114 -14.37 -23.98 -7.40
N HIS A 115 -14.96 -25.14 -7.17
CA HIS A 115 -14.30 -26.41 -7.42
C HIS A 115 -14.81 -26.96 -8.75
N GLY A 116 -13.93 -26.96 -9.77
CA GLY A 116 -14.19 -27.60 -11.03
C GLY A 116 -14.83 -26.69 -12.06
N GLY A 117 -15.64 -27.28 -12.94
CA GLY A 117 -16.25 -26.55 -14.04
C GLY A 117 -17.50 -25.81 -13.66
N LEU A 118 -17.34 -24.64 -13.05
CA LEU A 118 -18.47 -23.81 -12.68
C LEU A 118 -18.36 -22.48 -13.40
N VAL A 119 -19.50 -21.90 -13.77
CA VAL A 119 -19.57 -20.48 -14.09
C VAL A 119 -20.09 -19.78 -12.84
N PRO A 120 -19.29 -18.96 -12.15
CA PRO A 120 -19.74 -18.38 -10.87
C PRO A 120 -21.04 -17.59 -11.01
N PHE A 121 -21.10 -16.64 -11.95
CA PHE A 121 -22.24 -15.75 -12.09
C PHE A 121 -22.68 -15.69 -13.54
N ILE A 122 -23.97 -15.92 -13.77
CA ILE A 122 -24.57 -15.54 -15.05
C ILE A 122 -25.75 -14.67 -14.70
N LEU A 123 -25.73 -13.45 -15.24
CA LEU A 123 -26.83 -12.51 -15.15
C LEU A 123 -27.52 -12.59 -16.48
N ASP A 124 -28.76 -13.07 -16.47
CA ASP A 124 -29.47 -13.30 -17.71
C ASP A 124 -30.83 -12.64 -17.61
N GLU A 125 -31.11 -11.70 -18.53
CA GLU A 125 -32.37 -10.97 -18.53
C GLU A 125 -32.69 -10.40 -17.15
N SER A 126 -31.68 -9.77 -16.54
CA SER A 126 -31.84 -9.21 -15.22
C SER A 126 -31.64 -7.72 -15.29
N SER A 127 -31.95 -7.05 -14.19
CA SER A 127 -31.98 -5.60 -14.21
C SER A 127 -31.68 -5.08 -12.81
N HIS A 128 -30.84 -4.05 -12.73
CA HIS A 128 -30.45 -3.44 -11.47
C HIS A 128 -29.91 -4.49 -10.50
N ILE A 129 -28.80 -5.09 -10.90
CA ILE A 129 -28.11 -6.09 -10.10
C ILE A 129 -26.79 -5.49 -9.68
N VAL A 130 -26.54 -5.45 -8.38
CA VAL A 130 -25.31 -4.92 -7.83
C VAL A 130 -24.58 -6.07 -7.16
N LEU A 131 -23.31 -6.27 -7.56
CA LEU A 131 -22.41 -7.24 -6.93
C LEU A 131 -21.30 -6.48 -6.21
N ARG A 132 -21.12 -6.75 -4.92
CA ARG A 132 -20.07 -6.03 -4.20
C ARG A 132 -19.39 -6.89 -3.15
N ASN A 133 -18.07 -6.65 -3.00
CA ASN A 133 -17.30 -7.10 -1.85
C ASN A 133 -17.17 -8.61 -1.75
N PHE A 134 -16.62 -9.25 -2.78
CA PHE A 134 -16.19 -10.64 -2.64
C PHE A 134 -15.11 -10.91 -3.68
N SER A 135 -14.49 -12.07 -3.54
CA SER A 135 -13.50 -12.51 -4.50
C SER A 135 -13.86 -13.88 -5.06
N ILE A 136 -13.37 -14.14 -6.26
CA ILE A 136 -13.66 -15.34 -7.01
C ILE A 136 -12.34 -16.04 -7.32
N ASP A 137 -12.28 -17.35 -7.08
CA ASP A 137 -11.12 -18.13 -7.47
C ASP A 137 -11.54 -19.58 -7.65
N PHE A 138 -10.76 -20.34 -8.41
CA PHE A 138 -10.96 -21.76 -8.55
C PHE A 138 -9.84 -22.51 -7.82
N SER A 139 -10.15 -23.71 -7.33
CA SER A 139 -9.20 -24.38 -6.45
C SER A 139 -8.03 -24.94 -7.24
N ARG A 140 -8.24 -25.31 -8.50
CA ARG A 140 -7.16 -25.61 -9.43
C ARG A 140 -7.35 -24.72 -10.65
N ALA A 141 -6.31 -23.97 -11.02
CA ALA A 141 -6.40 -23.12 -12.20
C ALA A 141 -6.64 -23.95 -13.46
N PHE A 142 -7.26 -23.33 -14.47
CA PHE A 142 -7.47 -24.03 -15.73
C PHE A 142 -6.19 -24.07 -16.55
N HIS A 143 -5.35 -23.05 -16.44
CA HIS A 143 -4.01 -23.05 -17.02
C HIS A 143 -3.04 -23.69 -16.04
N SER A 144 -1.78 -23.81 -16.44
CA SER A 144 -0.73 -24.28 -15.52
C SER A 144 0.56 -23.51 -15.75
N GLU A 145 1.38 -23.47 -14.69
CA GLU A 145 2.65 -22.73 -14.65
C GLU A 145 3.75 -23.68 -14.17
N ALA A 146 4.98 -23.42 -14.61
CA ALA A 146 6.14 -24.21 -14.24
C ALA A 146 7.36 -23.31 -14.18
N LEU A 147 8.30 -23.65 -13.29
CA LEU A 147 9.61 -23.01 -13.30
C LEU A 147 10.42 -23.61 -14.43
N ILE A 148 11.09 -22.76 -15.21
CA ILE A 148 11.99 -23.23 -16.25
C ILE A 148 13.36 -23.45 -15.60
N ALA A 149 13.77 -24.72 -15.50
CA ALA A 149 15.01 -25.09 -14.84
C ALA A 149 16.16 -25.36 -15.80
N GLY A 150 15.87 -25.58 -17.08
CA GLY A 150 16.90 -25.71 -18.09
C GLY A 150 16.27 -25.66 -19.47
N ALA A 151 17.10 -25.41 -20.47
CA ALA A 151 16.63 -25.29 -21.84
C ALA A 151 17.63 -25.92 -22.80
N GLY A 152 17.17 -26.23 -24.01
CA GLY A 152 18.05 -26.81 -25.00
C GLY A 152 17.35 -26.83 -26.34
N LYS A 153 18.02 -27.41 -27.33
CA LYS A 153 17.44 -27.47 -28.66
C LYS A 153 16.19 -28.35 -28.61
N GLY A 154 15.02 -27.75 -28.76
CA GLY A 154 13.81 -28.53 -28.82
C GLY A 154 13.29 -29.08 -27.51
N TYR A 155 13.62 -28.48 -26.36
CA TYR A 155 13.11 -28.97 -25.09
C TYR A 155 13.27 -27.90 -24.01
N LEU A 156 12.51 -28.07 -22.93
CA LEU A 156 12.64 -27.29 -21.70
C LEU A 156 12.51 -28.22 -20.50
N ASP A 157 13.20 -27.88 -19.41
CA ASP A 157 13.12 -28.64 -18.18
C ASP A 157 12.32 -27.83 -17.17
N LEU A 158 11.29 -28.44 -16.61
CA LEU A 158 10.28 -27.73 -15.84
C LEU A 158 10.11 -28.34 -14.47
N LYS A 159 9.90 -27.48 -13.48
CA LYS A 159 9.48 -27.92 -12.15
C LYS A 159 8.12 -27.34 -11.86
N PHE A 160 7.17 -28.19 -11.53
CA PHE A 160 5.80 -27.78 -11.21
C PHE A 160 5.60 -27.79 -9.71
N THR A 161 4.95 -26.74 -9.19
CA THR A 161 4.52 -26.75 -7.82
C THR A 161 3.24 -27.60 -7.68
N ASP A 162 2.89 -27.89 -6.43
CA ASP A 162 1.86 -28.88 -6.13
C ASP A 162 0.50 -28.48 -6.67
N GLN A 163 0.22 -27.17 -6.76
CA GLN A 163 -1.11 -26.74 -7.16
C GLN A 163 -1.39 -26.93 -8.65
N PHE A 164 -0.46 -27.48 -9.43
CA PHE A 164 -0.70 -27.81 -10.82
C PHE A 164 -0.42 -29.30 -11.05
N PRO A 165 -1.28 -30.18 -10.53
CA PRO A 165 -1.02 -31.62 -10.71
C PRO A 165 -1.07 -32.00 -12.18
N TYR A 166 -0.28 -33.02 -12.52
CA TYR A 166 -0.23 -33.56 -13.88
C TYR A 166 0.09 -35.05 -13.81
N LYS A 167 -0.18 -35.73 -14.92
CA LYS A 167 0.33 -37.08 -15.14
C LYS A 167 1.03 -37.11 -16.49
N ILE A 168 2.01 -37.98 -16.61
CA ILE A 168 2.58 -38.33 -17.90
C ILE A 168 2.14 -39.76 -18.19
N ASN A 169 1.31 -39.94 -19.20
CA ASN A 169 0.70 -41.23 -19.41
C ASN A 169 1.67 -42.15 -20.16
N GLU A 170 1.25 -43.40 -20.37
CA GLU A 170 2.08 -44.39 -21.04
C GLU A 170 2.46 -43.99 -22.45
N ALA A 171 1.71 -43.08 -23.07
CA ALA A 171 2.04 -42.60 -24.41
C ALA A 171 3.18 -41.60 -24.41
N GLY A 172 3.57 -41.07 -23.26
CA GLY A 172 4.61 -40.06 -23.22
C GLY A 172 4.10 -38.65 -23.44
N ILE A 173 2.88 -38.36 -23.00
CA ILE A 173 2.20 -37.09 -23.21
C ILE A 173 1.91 -36.47 -21.85
N LEU A 174 2.11 -35.16 -21.75
CA LEU A 174 1.86 -34.41 -20.53
C LEU A 174 0.38 -34.01 -20.49
N LYS A 175 -0.34 -34.43 -19.45
CA LYS A 175 -1.77 -34.15 -19.33
C LYS A 175 -2.05 -33.64 -17.92
N PHE A 176 -2.45 -32.38 -17.82
CA PHE A 176 -2.73 -31.79 -16.52
C PHE A 176 -4.04 -32.36 -15.96
N GLN A 177 -4.14 -32.34 -14.63
CA GLN A 177 -5.19 -33.03 -13.91
C GLN A 177 -5.92 -32.07 -12.97
N SER A 178 -7.10 -32.50 -12.51
CA SER A 178 -7.76 -31.81 -11.42
C SER A 178 -7.14 -32.15 -10.08
N GLN A 179 -6.57 -33.34 -9.92
CA GLN A 179 -6.00 -33.77 -8.64
C GLN A 179 -5.19 -35.06 -8.86
N LEU A 180 -4.33 -35.36 -7.88
CA LEU A 180 -3.37 -36.48 -7.99
C LEU A 180 -4.00 -37.86 -7.81
N ASP A 190 -10.07 -46.60 -6.61
CA ASP A 190 -11.47 -46.86 -6.98
C ASP A 190 -11.76 -46.44 -8.43
N ARG A 191 -12.42 -47.34 -9.18
CA ARG A 191 -12.53 -47.18 -10.62
C ARG A 191 -13.36 -45.96 -11.00
N LEU A 192 -14.39 -45.60 -10.23
CA LEU A 192 -15.24 -44.47 -10.62
C LEU A 192 -14.59 -43.13 -10.29
N LYS A 193 -13.76 -43.08 -9.25
CA LYS A 193 -13.00 -41.85 -8.99
C LYS A 193 -11.96 -41.60 -10.08
N ARG A 194 -11.27 -42.66 -10.54
CA ARG A 194 -10.41 -42.53 -11.71
C ARG A 194 -11.19 -42.00 -12.91
N LYS A 195 -12.40 -42.53 -13.12
CA LYS A 195 -13.18 -42.16 -14.29
C LYS A 195 -13.56 -40.67 -14.26
N GLN A 196 -14.03 -40.18 -13.11
CA GLN A 196 -14.39 -38.77 -13.05
C GLN A 196 -13.16 -37.88 -13.15
N ILE A 197 -12.04 -38.27 -12.51
CA ILE A 197 -10.80 -37.52 -12.70
C ILE A 197 -10.42 -37.50 -14.18
N SER A 198 -10.47 -38.67 -14.83
CA SER A 198 -10.18 -38.72 -16.26
C SER A 198 -11.11 -37.80 -17.03
N GLN A 199 -12.41 -37.80 -16.72
CA GLN A 199 -13.32 -36.89 -17.39
C GLN A 199 -12.94 -35.44 -17.15
N ASP A 200 -12.26 -35.14 -16.05
CA ASP A 200 -11.81 -33.77 -15.77
C ASP A 200 -10.68 -33.32 -16.68
N GLU A 201 -9.99 -34.23 -17.38
CA GLU A 201 -8.77 -33.87 -18.10
C GLU A 201 -9.02 -32.78 -19.13
N TYR A 202 -10.19 -32.79 -19.76
CA TYR A 202 -10.51 -31.82 -20.80
C TYR A 202 -10.39 -30.38 -20.28
N LYS A 203 -10.75 -30.16 -19.00
CA LYS A 203 -10.80 -28.81 -18.46
C LYS A 203 -9.43 -28.15 -18.40
N TYR A 204 -8.37 -28.95 -18.37
CA TYR A 204 -7.01 -28.47 -18.16
C TYR A 204 -6.16 -28.63 -19.39
N GLU A 205 -6.78 -28.93 -20.52
CA GLU A 205 -6.08 -28.95 -21.79
C GLU A 205 -5.45 -27.59 -22.07
N TYR A 206 -4.30 -27.63 -22.74
CA TYR A 206 -3.59 -26.44 -23.17
C TYR A 206 -3.54 -26.40 -24.70
N LYS A 207 -3.09 -25.26 -25.25
CA LYS A 207 -2.82 -25.17 -26.68
C LYS A 207 -1.55 -24.42 -27.05
N ARG A 208 -1.03 -23.56 -26.18
CA ARG A 208 0.17 -22.78 -26.46
C ARG A 208 0.85 -22.46 -25.14
N VAL A 209 2.12 -22.07 -25.21
CA VAL A 209 2.86 -21.71 -24.02
C VAL A 209 3.48 -20.33 -24.21
N LEU A 210 3.62 -19.61 -23.10
CA LEU A 210 4.16 -18.26 -23.11
C LEU A 210 5.10 -18.07 -21.93
N GLU A 211 6.24 -17.46 -22.20
CA GLU A 211 7.27 -17.23 -21.20
C GLU A 211 6.96 -15.97 -20.42
N PHE A 212 7.03 -16.06 -19.09
CA PHE A 212 6.89 -14.91 -18.21
C PHE A 212 8.21 -14.65 -17.52
N ASN A 213 8.57 -13.37 -17.42
CA ASN A 213 9.76 -12.94 -16.72
C ASN A 213 9.57 -13.09 -15.21
N PHE A 214 10.46 -13.83 -14.56
CA PHE A 214 10.26 -14.18 -13.15
C PHE A 214 10.24 -12.94 -12.26
N ALA A 215 11.19 -12.01 -12.46
CA ALA A 215 11.30 -10.85 -11.59
C ALA A 215 10.17 -9.86 -11.80
N LEU A 216 9.81 -9.59 -13.06
CA LEU A 216 8.80 -8.58 -13.35
C LEU A 216 7.38 -9.13 -13.38
N ARG A 217 7.21 -10.46 -13.38
CA ARG A 217 5.89 -11.10 -13.36
C ARG A 217 5.04 -10.60 -14.52
N GLU A 218 5.63 -10.56 -15.69
CA GLU A 218 5.00 -10.08 -16.91
C GLU A 218 5.47 -10.99 -18.03
N PRO A 219 4.77 -11.02 -19.16
CA PRO A 219 5.30 -11.74 -20.32
C PRO A 219 6.73 -11.28 -20.63
N GLU A 220 7.59 -12.24 -20.93
CA GLU A 220 9.00 -11.95 -21.15
C GLU A 220 9.20 -11.03 -22.35
N TYR A 221 10.03 -10.00 -22.15
CA TYR A 221 10.37 -9.02 -23.18
C TYR A 221 10.60 -9.67 -24.53
N MET A 222 9.73 -9.39 -25.50
CA MET A 222 9.80 -9.85 -26.89
C MET A 222 9.52 -11.35 -27.05
N ALA A 223 9.20 -12.09 -25.99
CA ALA A 223 8.77 -13.46 -26.19
C ALA A 223 7.39 -13.48 -26.85
N GLN A 224 7.13 -14.53 -27.61
CA GLN A 224 5.87 -14.70 -28.32
C GLN A 224 5.21 -16.01 -27.91
N ASP A 225 3.88 -16.07 -28.13
CA ASP A 225 3.18 -17.34 -27.97
C ASP A 225 3.85 -18.38 -28.84
N ILE A 226 4.12 -19.55 -28.25
CA ILE A 226 4.63 -20.70 -28.98
C ILE A 226 3.50 -21.72 -29.06
N PHE A 227 3.02 -21.99 -30.26
CA PHE A 227 1.93 -22.95 -30.41
C PHE A 227 2.44 -24.35 -30.20
N THR A 228 1.66 -25.16 -29.48
CA THR A 228 2.07 -26.55 -29.25
C THR A 228 0.97 -27.53 -29.63
N GLY A 229 -0.29 -27.10 -29.54
CA GLY A 229 -1.39 -28.05 -29.54
C GLY A 229 -1.57 -28.61 -28.15
N ASN A 230 -2.53 -29.53 -28.01
CA ASN A 230 -2.91 -29.96 -26.66
C ASN A 230 -2.11 -31.15 -26.15
N ALA A 231 -1.11 -31.62 -26.90
CA ALA A 231 -0.38 -32.83 -26.51
C ALA A 231 1.11 -32.62 -26.71
N LEU A 232 1.85 -32.47 -25.63
CA LEU A 232 3.30 -32.33 -25.66
C LEU A 232 3.97 -33.64 -25.24
N ARG A 233 4.93 -34.11 -26.04
CA ARG A 233 5.75 -35.21 -25.57
C ARG A 233 6.51 -34.78 -24.33
N ALA A 234 6.67 -35.70 -23.40
CA ALA A 234 7.26 -35.33 -22.13
C ALA A 234 7.84 -36.56 -21.46
N GLU A 235 8.78 -36.31 -20.54
CA GLU A 235 9.31 -37.39 -19.74
C GLU A 235 9.84 -36.78 -18.45
N LYS A 236 9.71 -37.54 -17.36
CA LYS A 236 10.26 -37.13 -16.07
C LYS A 236 11.68 -37.65 -15.96
N LEU A 237 12.63 -36.76 -15.72
CA LEU A 237 14.04 -37.15 -15.66
C LEU A 237 14.29 -37.86 -14.33
N ASN A 238 14.62 -39.14 -14.40
CA ASN A 238 14.85 -39.94 -13.19
C ASN A 238 16.05 -39.43 -12.39
N VAL A 242 11.42 -33.05 -11.83
CA VAL A 242 11.67 -32.29 -13.06
C VAL A 242 11.06 -33.00 -14.27
N VAL A 243 10.37 -32.23 -15.09
CA VAL A 243 9.69 -32.73 -16.28
C VAL A 243 10.31 -32.08 -17.50
N ARG A 244 10.69 -32.88 -18.48
CA ARG A 244 11.18 -32.38 -19.74
C ARG A 244 10.05 -32.48 -20.77
N ILE A 245 9.76 -31.36 -21.44
CA ILE A 245 8.79 -31.31 -22.54
C ILE A 245 9.57 -31.04 -23.82
N PHE A 246 9.11 -31.64 -24.92
CA PHE A 246 9.81 -31.59 -26.19
C PHE A 246 8.94 -30.92 -27.25
N HIS A 247 9.51 -29.91 -27.92
CA HIS A 247 8.86 -29.31 -29.07
C HIS A 247 9.89 -28.50 -29.85
N PRO A 248 9.89 -28.58 -31.17
CA PRO A 248 10.93 -27.87 -31.94
C PRO A 248 10.95 -26.36 -31.72
N ASN A 249 9.84 -25.73 -31.32
CA ASN A 249 9.79 -24.28 -31.23
C ASN A 249 9.94 -23.75 -29.82
N LEU A 250 10.20 -24.63 -28.87
CA LEU A 250 10.43 -24.20 -27.49
C LEU A 250 11.74 -23.43 -27.38
N LYS A 251 11.68 -22.29 -26.68
CA LYS A 251 12.80 -21.40 -26.49
C LYS A 251 12.43 -20.49 -25.33
N ALA A 252 13.28 -20.42 -24.32
CA ALA A 252 12.98 -19.62 -23.14
C ALA A 252 14.26 -19.45 -22.33
N LYS A 253 14.23 -18.50 -21.40
CA LYS A 253 15.37 -18.28 -20.52
C LYS A 253 15.16 -19.07 -19.25
N VAL A 254 16.23 -19.75 -18.82
CA VAL A 254 16.22 -20.49 -17.56
C VAL A 254 15.90 -19.55 -16.41
N GLY A 255 15.10 -20.04 -15.47
CA GLY A 255 14.70 -19.24 -14.33
C GLY A 255 13.42 -18.46 -14.53
N ASN A 256 12.98 -18.31 -15.78
CA ASN A 256 11.66 -17.73 -16.05
C ASN A 256 10.56 -18.76 -15.81
N ILE A 257 9.31 -18.29 -15.88
CA ILE A 257 8.14 -19.12 -15.66
C ILE A 257 7.44 -19.38 -16.98
N LEU A 258 7.14 -20.65 -17.27
CA LEU A 258 6.38 -21.05 -18.45
C LEU A 258 4.91 -21.22 -18.08
N VAL A 259 4.05 -20.54 -18.84
CA VAL A 259 2.60 -20.65 -18.67
C VAL A 259 2.04 -21.51 -19.79
N PHE A 260 1.25 -22.51 -19.43
CA PHE A 260 0.47 -23.31 -20.39
C PHE A 260 -0.90 -22.66 -20.53
N GLN A 261 -1.17 -22.09 -21.70
CA GLN A 261 -2.44 -21.43 -21.92
C GLN A 261 -3.56 -22.46 -22.01
N ALA A 262 -4.58 -22.29 -21.17
CA ALA A 262 -5.78 -23.11 -21.23
C ALA A 262 -6.36 -23.07 -22.64
N LYS A 263 -6.63 -24.25 -23.20
CA LYS A 263 -7.21 -24.32 -24.54
C LYS A 263 -8.63 -23.75 -24.58
N HIS A 264 -9.42 -23.98 -23.53
CA HIS A 264 -10.87 -23.74 -23.54
C HIS A 264 -11.25 -22.49 -22.77
N ARG A 265 -12.40 -21.93 -23.15
CA ARG A 265 -13.01 -20.79 -22.47
C ARG A 265 -14.41 -21.17 -22.00
N ASP A 266 -14.50 -22.14 -21.10
CA ASP A 266 -15.78 -22.70 -20.71
C ASP A 266 -16.36 -22.10 -19.44
N TYR A 267 -15.56 -21.39 -18.65
CA TYR A 267 -15.98 -20.97 -17.31
C TYR A 267 -15.55 -19.52 -17.06
N PRO A 268 -16.16 -18.56 -17.76
CA PRO A 268 -15.88 -17.16 -17.47
C PRO A 268 -16.42 -16.81 -16.09
N GLY A 269 -15.88 -15.72 -15.55
CA GLY A 269 -16.16 -15.36 -14.18
C GLY A 269 -17.56 -14.82 -14.00
N VAL A 270 -17.86 -13.70 -14.67
CA VAL A 270 -19.15 -13.06 -14.58
C VAL A 270 -19.67 -12.85 -15.99
N VAL A 271 -20.82 -13.45 -16.29
CA VAL A 271 -21.46 -13.27 -17.57
C VAL A 271 -22.65 -12.34 -17.38
N ILE A 272 -22.73 -11.31 -18.20
CA ILE A 272 -23.83 -10.37 -18.19
C ILE A 272 -24.47 -10.44 -19.56
N SER A 273 -25.70 -10.93 -19.62
CA SER A 273 -26.32 -11.26 -20.88
C SER A 273 -27.75 -10.71 -20.93
N ASP A 274 -28.06 -9.94 -21.97
CA ASP A 274 -29.41 -9.38 -22.16
C ASP A 274 -29.92 -8.72 -20.89
N SER A 275 -29.04 -7.98 -20.20
CA SER A 275 -29.37 -7.42 -18.90
C SER A 275 -29.12 -5.91 -18.90
N ASN A 276 -29.59 -5.23 -17.85
CA ASN A 276 -29.39 -3.79 -17.77
C ASN A 276 -29.15 -3.31 -16.36
N ASN A 277 -28.39 -2.22 -16.26
CA ASN A 277 -28.08 -1.56 -14.99
C ASN A 277 -27.41 -2.54 -14.03
N VAL A 278 -26.24 -3.00 -14.43
CA VAL A 278 -25.43 -3.92 -13.63
C VAL A 278 -24.25 -3.15 -13.09
N GLU A 279 -23.95 -3.35 -11.82
CA GLU A 279 -22.75 -2.76 -11.26
C GLU A 279 -21.94 -3.82 -10.51
N LEU A 280 -20.63 -3.81 -10.73
CA LEU A 280 -19.67 -4.60 -9.96
C LEU A 280 -18.81 -3.62 -9.17
N HIS A 281 -18.76 -3.78 -7.84
CA HIS A 281 -18.05 -2.88 -6.94
C HIS A 281 -17.15 -3.71 -6.04
N ASN A 282 -15.84 -3.45 -6.09
CA ASN A 282 -14.89 -4.13 -5.21
C ASN A 282 -15.01 -5.65 -5.33
N ILE A 283 -15.02 -6.13 -6.58
CA ILE A 283 -14.96 -7.55 -6.88
C ILE A 283 -13.53 -7.87 -7.28
N THR A 284 -12.97 -8.92 -6.71
CA THR A 284 -11.66 -9.41 -7.11
C THR A 284 -11.85 -10.74 -7.82
N ILE A 285 -11.44 -10.81 -9.08
CA ILE A 285 -11.47 -12.06 -9.84
C ILE A 285 -10.03 -12.56 -9.93
N HIS A 286 -9.70 -13.58 -9.14
CA HIS A 286 -8.36 -14.15 -9.21
C HIS A 286 -8.19 -15.04 -10.43
N HIS A 287 -9.26 -15.63 -10.95
CA HIS A 287 -9.08 -16.60 -12.02
C HIS A 287 -10.41 -16.90 -12.70
N ALA A 288 -10.33 -17.28 -13.97
CA ALA A 288 -11.48 -17.82 -14.69
C ALA A 288 -10.95 -18.65 -15.84
N GLY A 289 -11.78 -19.61 -16.27
CA GLY A 289 -11.56 -20.32 -17.50
C GLY A 289 -12.14 -19.56 -18.68
N GLY A 290 -11.43 -18.51 -19.11
CA GLY A 290 -11.95 -17.57 -20.07
C GLY A 290 -11.94 -16.17 -19.49
N MET A 291 -12.95 -15.39 -19.85
CA MET A 291 -12.88 -13.99 -19.49
C MET A 291 -13.35 -13.76 -18.05
N GLY A 292 -12.86 -12.66 -17.47
CA GLY A 292 -13.27 -12.32 -16.12
C GLY A 292 -14.70 -11.78 -16.07
N VAL A 293 -15.01 -10.80 -16.90
CA VAL A 293 -16.35 -10.29 -17.11
C VAL A 293 -16.61 -10.25 -18.61
N ILE A 294 -17.69 -10.87 -19.06
CA ILE A 294 -18.08 -10.78 -20.46
C ILE A 294 -19.53 -10.33 -20.47
N ALA A 295 -19.80 -9.28 -21.24
CA ALA A 295 -21.14 -8.74 -21.37
C ALA A 295 -21.55 -8.82 -22.83
N GLN A 296 -22.78 -9.24 -23.06
CA GLN A 296 -23.31 -9.30 -24.41
C GLN A 296 -24.70 -8.70 -24.39
N ARG A 297 -24.96 -7.81 -25.36
CA ARG A 297 -26.30 -7.26 -25.63
C ARG A 297 -26.93 -6.71 -24.35
N SER A 298 -26.12 -6.05 -23.53
CA SER A 298 -26.61 -5.45 -22.30
C SER A 298 -26.34 -3.95 -22.30
N HIS A 299 -26.88 -3.30 -21.29
CA HIS A 299 -27.16 -1.88 -21.34
C HIS A 299 -26.91 -1.29 -19.98
N ASN A 300 -25.94 -0.36 -19.90
CA ASN A 300 -25.48 0.27 -18.64
C ASN A 300 -24.76 -0.71 -17.72
N ILE A 301 -23.43 -0.77 -17.80
CA ILE A 301 -22.64 -1.62 -16.92
C ILE A 301 -21.51 -0.80 -16.31
N THR A 302 -21.32 -0.95 -15.00
CA THR A 302 -20.25 -0.26 -14.27
C THR A 302 -19.39 -1.30 -13.60
N ILE A 303 -18.07 -1.17 -13.73
CA ILE A 303 -17.13 -1.99 -12.97
C ILE A 303 -16.17 -1.04 -12.30
N LYS A 304 -16.16 -1.05 -10.96
CA LYS A 304 -15.50 -0.03 -10.16
C LYS A 304 -14.76 -0.65 -8.97
N ASP A 305 -13.55 -0.17 -8.71
CA ASP A 305 -12.76 -0.57 -7.54
C ASP A 305 -12.58 -2.08 -7.47
N SER A 306 -12.49 -2.73 -8.62
CA SER A 306 -12.36 -4.17 -8.68
C SER A 306 -10.98 -4.53 -9.19
N LYS A 307 -10.68 -5.82 -9.16
CA LYS A 307 -9.36 -6.20 -9.62
C LYS A 307 -9.38 -7.60 -10.17
N VAL A 308 -8.63 -7.77 -11.26
CA VAL A 308 -8.26 -9.05 -11.81
C VAL A 308 -6.76 -9.22 -11.56
N SER A 309 -6.40 -10.22 -10.76
CA SER A 309 -5.06 -10.32 -10.22
C SER A 309 -4.84 -11.74 -9.73
N PRO A 310 -3.63 -12.30 -9.85
CA PRO A 310 -3.41 -13.70 -9.47
C PRO A 310 -3.57 -13.91 -7.98
N SER A 311 -3.95 -15.14 -7.62
CA SER A 311 -3.95 -15.58 -6.22
C SER A 311 -2.62 -16.26 -5.87
N LYS A 312 -2.45 -16.59 -4.59
CA LYS A 312 -1.17 -17.03 -4.06
C LYS A 312 -0.56 -18.18 -4.88
N GLY A 313 0.71 -18.02 -5.22
CA GLY A 313 1.46 -19.02 -5.96
C GLY A 313 1.28 -18.99 -7.47
N ARG A 314 0.53 -18.05 -8.02
CA ARG A 314 0.30 -17.98 -9.46
C ARG A 314 0.81 -16.67 -10.03
N ILE A 315 1.28 -16.73 -11.27
CA ILE A 315 1.71 -15.55 -12.00
C ILE A 315 0.64 -15.06 -12.98
N VAL A 316 -0.43 -15.84 -13.20
CA VAL A 316 -1.47 -15.55 -14.17
C VAL A 316 -2.81 -15.40 -13.47
N SER A 317 -3.62 -14.43 -13.90
CA SER A 317 -4.99 -14.30 -13.37
C SER A 317 -5.98 -15.07 -14.23
N THR A 318 -6.86 -14.39 -14.97
CA THR A 318 -7.82 -15.10 -15.82
C THR A 318 -7.16 -15.58 -17.11
N THR A 319 -7.71 -16.66 -17.68
CA THR A 319 -7.08 -17.22 -18.88
C THR A 319 -7.48 -16.51 -20.17
N ALA A 320 -8.39 -15.54 -20.12
CA ALA A 320 -8.63 -14.68 -21.28
C ALA A 320 -8.94 -13.29 -20.75
N ASP A 321 -9.58 -12.48 -21.61
CA ASP A 321 -9.77 -11.04 -21.36
C ASP A 321 -10.25 -10.78 -19.95
N ALA A 322 -9.69 -9.75 -19.33
CA ALA A 322 -10.19 -9.35 -18.01
C ALA A 322 -11.66 -8.95 -18.09
N THR A 323 -11.98 -8.06 -19.03
CA THR A 323 -13.36 -7.63 -19.30
C THR A 323 -13.54 -7.57 -20.81
N HIS A 324 -14.80 -7.46 -21.23
CA HIS A 324 -15.16 -7.63 -22.62
C HIS A 324 -16.66 -7.36 -22.79
N PHE A 325 -17.03 -6.58 -23.81
CA PHE A 325 -18.39 -6.11 -24.00
C PHE A 325 -18.78 -6.28 -25.45
N VAL A 326 -19.89 -6.99 -25.71
CA VAL A 326 -20.30 -7.23 -27.09
C VAL A 326 -21.70 -6.66 -27.31
N ASN A 327 -21.81 -5.75 -28.28
CA ASN A 327 -23.11 -5.17 -28.64
C ASN A 327 -23.80 -4.56 -27.43
N CYS A 328 -23.05 -3.84 -26.61
CA CYS A 328 -23.63 -3.24 -25.43
C CYS A 328 -23.96 -1.77 -25.68
N THR A 329 -24.81 -1.20 -24.83
CA THR A 329 -25.38 0.13 -25.04
C THR A 329 -25.44 0.85 -23.71
N GLY A 330 -25.91 2.10 -23.73
CA GLY A 330 -25.91 2.89 -22.51
C GLY A 330 -24.50 3.28 -22.12
N LYS A 331 -24.26 3.41 -20.82
CA LYS A 331 -22.93 3.78 -20.36
C LYS A 331 -22.17 2.54 -19.92
N ILE A 332 -20.97 2.36 -20.44
CA ILE A 332 -20.04 1.34 -19.98
C ILE A 332 -18.93 2.06 -19.23
N LYS A 333 -18.90 1.91 -17.90
CA LYS A 333 -17.93 2.61 -17.06
C LYS A 333 -16.95 1.60 -16.45
N LEU A 334 -15.66 1.80 -16.74
CA LEU A 334 -14.58 1.08 -16.06
C LEU A 334 -13.82 2.10 -15.23
N ILE A 335 -14.02 2.09 -13.91
CA ILE A 335 -13.55 3.14 -13.02
C ILE A 335 -12.64 2.54 -11.96
N ASP A 336 -11.38 2.98 -11.93
CA ASP A 336 -10.48 2.74 -10.78
C ASP A 336 -10.27 1.25 -10.51
N ASN A 337 -10.06 0.47 -11.56
CA ASN A 337 -9.86 -0.96 -11.40
C ASN A 337 -8.37 -1.27 -11.57
N LEU A 338 -7.99 -2.47 -11.15
CA LEU A 338 -6.66 -3.00 -11.42
C LEU A 338 -6.84 -4.25 -12.27
N PHE A 339 -6.31 -4.24 -13.49
CA PHE A 339 -6.35 -5.42 -14.35
C PHE A 339 -4.92 -5.84 -14.61
N GLU A 340 -4.50 -6.95 -14.00
CA GLU A 340 -3.13 -7.37 -14.20
C GLU A 340 -3.05 -8.88 -14.38
N SER A 341 -2.13 -9.30 -15.23
CA SER A 341 -1.61 -10.67 -15.32
C SER A 341 -2.56 -11.63 -16.03
N GLN A 342 -3.61 -11.16 -16.71
CA GLN A 342 -4.47 -12.05 -17.47
C GLN A 342 -3.81 -12.41 -18.79
N LYS A 343 -4.26 -13.53 -19.39
CA LYS A 343 -3.65 -14.03 -20.62
C LYS A 343 -4.18 -13.33 -21.86
N ASN A 344 -4.79 -12.15 -21.74
CA ASN A 344 -5.33 -11.48 -22.93
C ASN A 344 -5.57 -10.01 -22.60
N ASP A 345 -6.32 -9.33 -23.48
CA ASP A 345 -6.52 -7.89 -23.39
C ASP A 345 -7.24 -7.54 -22.09
N ALA A 346 -7.06 -6.29 -21.66
CA ALA A 346 -7.78 -5.83 -20.48
C ALA A 346 -9.23 -5.50 -20.81
N THR A 347 -9.50 -4.91 -21.98
CA THR A 347 -10.88 -4.74 -22.39
C THR A 347 -10.99 -4.70 -23.90
N ASN A 348 -12.20 -4.95 -24.37
CA ASN A 348 -12.55 -4.88 -25.79
C ASN A 348 -14.04 -4.58 -25.83
N ILE A 349 -14.40 -3.43 -26.38
CA ILE A 349 -15.80 -3.02 -26.50
C ILE A 349 -16.13 -2.94 -27.98
N HIS A 350 -16.96 -3.85 -28.48
CA HIS A 350 -17.13 -3.97 -29.92
C HIS A 350 -18.51 -4.52 -30.25
N GLY A 351 -18.82 -4.52 -31.55
CA GLY A 351 -20.02 -5.10 -32.08
C GLY A 351 -19.75 -6.37 -32.86
N VAL A 352 -20.83 -6.96 -33.39
CA VAL A 352 -20.76 -8.18 -34.17
C VAL A 352 -21.00 -7.85 -35.64
N TYR A 353 -20.08 -8.23 -36.50
CA TYR A 353 -20.38 -8.37 -37.91
C TYR A 353 -20.88 -9.78 -38.16
N ALA A 354 -21.87 -9.93 -39.03
CA ALA A 354 -22.25 -11.24 -39.52
C ALA A 354 -22.19 -11.26 -41.05
N ALA A 355 -21.62 -12.32 -41.62
CA ALA A 355 -21.45 -12.37 -43.07
C ALA A 355 -22.77 -12.65 -43.77
N ILE A 356 -22.92 -12.11 -44.97
CA ILE A 356 -24.06 -12.45 -45.82
C ILE A 356 -23.71 -13.74 -46.52
N ASP A 357 -24.40 -14.83 -46.14
CA ASP A 357 -24.13 -16.17 -46.61
C ASP A 357 -24.87 -16.48 -47.91
N LYS A 358 -26.18 -16.24 -47.95
CA LYS A 358 -26.96 -16.47 -49.15
C LYS A 358 -27.85 -15.27 -49.40
N ILE A 359 -27.86 -14.80 -50.64
CA ILE A 359 -28.85 -13.81 -51.07
C ILE A 359 -30.06 -14.57 -51.59
N ILE A 360 -31.20 -14.40 -50.93
CA ILE A 360 -32.42 -15.13 -51.31
C ILE A 360 -33.13 -14.39 -52.44
N ASP A 361 -33.34 -13.09 -52.30
CA ASP A 361 -33.88 -12.26 -53.37
C ASP A 361 -33.40 -10.82 -53.16
N ASP A 362 -33.99 -9.88 -53.91
CA ASP A 362 -33.53 -8.50 -53.88
C ASP A 362 -33.71 -7.84 -52.50
N LYS A 363 -34.59 -8.40 -51.64
CA LYS A 363 -34.86 -7.84 -50.32
C LYS A 363 -34.51 -8.78 -49.18
N THR A 364 -33.96 -9.97 -49.45
CA THR A 364 -33.85 -10.97 -48.39
C THR A 364 -32.51 -11.68 -48.47
N VAL A 365 -31.88 -11.88 -47.32
CA VAL A 365 -30.60 -12.56 -47.24
C VAL A 365 -30.63 -13.50 -46.03
N GLU A 366 -29.72 -14.45 -46.04
CA GLU A 366 -29.43 -15.27 -44.88
C GLU A 366 -28.03 -14.90 -44.42
N ILE A 367 -27.91 -14.53 -43.16
CA ILE A 367 -26.62 -14.16 -42.60
C ILE A 367 -26.16 -15.32 -41.74
N LYS A 368 -24.85 -15.42 -41.57
CA LYS A 368 -24.25 -16.54 -40.86
C LYS A 368 -23.17 -16.02 -39.92
N LEU A 369 -23.28 -16.39 -38.65
CA LEU A 369 -22.21 -16.13 -37.70
C LEU A 369 -20.96 -16.94 -38.09
N GLN A 370 -19.80 -16.30 -38.01
CA GLN A 370 -18.59 -16.88 -38.61
C GLN A 370 -17.66 -17.51 -37.61
N HIS A 371 -17.28 -16.80 -36.58
CA HIS A 371 -16.32 -17.36 -35.64
C HIS A 371 -17.03 -18.29 -34.66
N PRO A 372 -16.45 -19.46 -34.36
CA PRO A 372 -17.15 -20.43 -33.51
C PRO A 372 -17.55 -19.87 -32.15
N GLN A 373 -16.80 -18.90 -31.62
CA GLN A 373 -17.18 -18.36 -30.32
C GLN A 373 -18.23 -17.27 -30.44
N GLN A 374 -18.78 -17.06 -31.64
CA GLN A 374 -19.95 -16.22 -31.81
C GLN A 374 -21.24 -17.01 -32.04
N PHE A 375 -21.17 -18.32 -32.27
CA PHE A 375 -22.38 -19.08 -32.56
C PHE A 375 -23.42 -18.87 -31.47
N GLY A 376 -24.68 -18.78 -31.86
CA GLY A 376 -25.76 -18.55 -30.92
C GLY A 376 -25.99 -17.11 -30.51
N PHE A 377 -25.29 -16.15 -31.14
CA PHE A 377 -25.44 -14.71 -30.86
C PHE A 377 -26.58 -14.16 -31.71
N ASP A 378 -27.80 -14.18 -31.16
CA ASP A 378 -28.97 -13.65 -31.86
C ASP A 378 -29.08 -12.17 -31.55
N PHE A 379 -29.17 -11.34 -32.61
CA PHE A 379 -29.17 -9.89 -32.41
C PHE A 379 -30.00 -9.12 -33.43
N ILE A 380 -30.38 -9.74 -34.52
CA ILE A 380 -31.17 -9.08 -35.56
C ILE A 380 -32.64 -9.34 -35.27
N ALA A 381 -33.37 -8.26 -34.98
CA ALA A 381 -34.78 -8.26 -34.62
C ALA A 381 -35.55 -7.40 -35.60
N PRO A 382 -36.85 -7.62 -35.75
CA PRO A 382 -37.67 -6.71 -36.57
C PRO A 382 -37.53 -5.26 -36.12
N GLU A 383 -37.44 -4.36 -37.10
CA GLU A 383 -37.25 -2.92 -36.98
C GLU A 383 -35.85 -2.49 -36.61
N ASP A 384 -34.89 -3.40 -36.49
CA ASP A 384 -33.50 -2.98 -36.37
C ASP A 384 -33.01 -2.35 -37.68
N GLU A 385 -32.11 -1.40 -37.54
CA GLU A 385 -31.40 -0.82 -38.66
C GLU A 385 -30.05 -1.54 -38.79
N LEU A 386 -29.70 -1.98 -40.00
CA LEU A 386 -28.44 -2.66 -40.20
C LEU A 386 -27.55 -1.89 -41.16
N GLU A 387 -26.27 -1.84 -40.84
CA GLU A 387 -25.24 -1.46 -41.78
C GLU A 387 -24.94 -2.62 -42.72
N LEU A 388 -24.83 -2.32 -44.02
CA LEU A 388 -24.35 -3.32 -44.98
C LEU A 388 -22.98 -2.89 -45.43
N VAL A 389 -21.98 -3.75 -45.20
CA VAL A 389 -20.58 -3.36 -45.22
C VAL A 389 -19.83 -4.23 -46.22
N HIS A 390 -19.01 -3.61 -47.05
CA HIS A 390 -18.13 -4.35 -47.96
C HIS A 390 -16.99 -4.97 -47.14
N GLY A 391 -16.85 -6.28 -47.28
CA GLY A 391 -16.06 -7.04 -46.32
C GLY A 391 -14.60 -6.65 -46.27
N ALA A 392 -13.97 -6.48 -47.44
CA ALA A 392 -12.53 -6.29 -47.51
C ALA A 392 -12.10 -4.87 -47.23
N SER A 393 -13.01 -3.91 -47.35
CA SER A 393 -12.69 -2.52 -47.11
C SER A 393 -13.24 -1.98 -45.80
N LEU A 394 -14.27 -2.62 -45.23
CA LEU A 394 -15.02 -2.10 -44.09
C LEU A 394 -15.70 -0.76 -44.42
N ILE A 395 -15.96 -0.51 -45.69
CA ILE A 395 -16.72 0.64 -46.13
C ILE A 395 -18.19 0.28 -46.08
N THR A 396 -19.01 1.16 -45.51
CA THR A 396 -20.45 0.93 -45.44
C THR A 396 -21.13 1.35 -46.75
N TYR A 397 -21.83 0.42 -47.41
CA TYR A 397 -22.62 0.76 -48.59
C TYR A 397 -23.84 1.60 -48.24
N GLU A 398 -24.61 1.18 -47.23
CA GLU A 398 -25.88 1.81 -46.92
C GLU A 398 -26.36 1.23 -45.59
N THR A 399 -27.39 1.85 -45.03
CA THR A 399 -28.16 1.23 -43.96
C THR A 399 -29.54 0.87 -44.50
N ASN A 400 -30.15 -0.13 -43.87
CA ASN A 400 -31.44 -0.66 -44.29
C ASN A 400 -32.17 -1.14 -43.05
N LYS A 401 -33.49 -1.07 -43.09
CA LYS A 401 -34.33 -1.50 -41.97
C LYS A 401 -34.83 -2.91 -42.20
N VAL A 402 -34.80 -3.74 -41.14
CA VAL A 402 -35.24 -5.12 -41.22
C VAL A 402 -36.70 -5.18 -40.80
N VAL A 403 -37.51 -5.91 -41.57
CA VAL A 403 -38.94 -6.03 -41.29
C VAL A 403 -39.23 -7.37 -40.61
N THR A 404 -38.51 -8.43 -40.99
CA THR A 404 -38.69 -9.74 -40.38
C THR A 404 -37.35 -10.46 -40.28
N SER A 405 -37.29 -11.37 -39.31
CA SER A 405 -36.07 -12.09 -38.99
C SER A 405 -36.44 -13.48 -38.46
N THR A 406 -35.77 -14.52 -38.95
CA THR A 406 -36.02 -15.87 -38.48
C THR A 406 -34.70 -16.55 -38.19
N ARG A 407 -34.52 -16.99 -36.95
CA ARG A 407 -33.36 -17.77 -36.52
C ARG A 407 -33.49 -19.17 -37.07
N VAL A 408 -32.58 -19.55 -37.97
CA VAL A 408 -32.63 -20.90 -38.54
C VAL A 408 -31.86 -21.88 -37.66
N SER A 409 -30.75 -21.44 -37.07
CA SER A 409 -29.85 -22.33 -36.34
C SER A 409 -28.98 -21.49 -35.43
N ASN A 410 -27.99 -22.12 -34.78
CA ASN A 410 -27.12 -21.26 -34.00
C ASN A 410 -26.07 -20.56 -34.87
N GLU A 411 -26.15 -20.73 -36.19
CA GLU A 411 -25.28 -20.03 -37.13
C GLU A 411 -26.04 -19.07 -38.01
N VAL A 412 -27.17 -19.50 -38.57
CA VAL A 412 -27.81 -18.83 -39.69
C VAL A 412 -29.08 -18.16 -39.22
N THR A 413 -29.29 -16.93 -39.68
CA THR A 413 -30.54 -16.23 -39.48
C THR A 413 -30.96 -15.64 -40.83
N ARG A 414 -32.23 -15.78 -41.18
CA ARG A 414 -32.74 -15.17 -42.39
C ARG A 414 -33.30 -13.80 -42.07
N VAL A 415 -33.03 -12.83 -42.95
CA VAL A 415 -33.36 -11.43 -42.71
C VAL A 415 -34.04 -10.85 -43.94
N GLN A 416 -35.20 -10.23 -43.74
CA GLN A 416 -35.93 -9.53 -44.80
C GLN A 416 -35.91 -8.03 -44.56
N PHE A 417 -35.52 -7.28 -45.57
CA PHE A 417 -35.43 -5.82 -45.51
C PHE A 417 -36.69 -5.14 -46.05
N ILE A 418 -36.83 -3.86 -45.70
CA ILE A 418 -38.02 -3.11 -46.09
C ILE A 418 -37.93 -2.64 -47.54
N LYS A 419 -36.73 -2.51 -48.08
CA LYS A 419 -36.51 -2.09 -49.46
C LYS A 419 -35.39 -2.92 -50.02
N PRO A 420 -35.32 -3.07 -51.35
CA PRO A 420 -34.23 -3.86 -51.93
C PRO A 420 -32.88 -3.27 -51.54
N PHE A 421 -31.96 -4.15 -51.12
CA PHE A 421 -30.68 -3.66 -50.63
C PHE A 421 -29.75 -3.33 -51.79
N ASP A 422 -28.74 -2.52 -51.48
CA ASP A 422 -27.79 -2.02 -52.47
C ASP A 422 -27.32 -3.14 -53.40
N SER A 423 -27.45 -2.90 -54.71
CA SER A 423 -27.14 -3.90 -55.73
C SER A 423 -25.67 -4.32 -55.74
N ARG A 424 -24.77 -3.57 -55.10
CA ARG A 424 -23.37 -3.96 -55.08
C ARG A 424 -23.04 -5.01 -54.02
N ILE A 425 -23.95 -5.29 -53.09
CA ILE A 425 -23.67 -6.22 -52.01
C ILE A 425 -23.54 -7.62 -52.59
N LYS A 426 -22.49 -8.33 -52.19
CA LYS A 426 -22.26 -9.71 -52.60
C LYS A 426 -22.28 -10.64 -51.39
N GLU A 427 -22.46 -11.93 -51.66
CA GLU A 427 -22.17 -12.93 -50.65
C GLU A 427 -20.72 -12.78 -50.21
N GLY A 428 -20.49 -12.87 -48.91
CA GLY A 428 -19.18 -12.60 -48.35
C GLY A 428 -19.04 -11.23 -47.73
N ASP A 429 -19.93 -10.28 -48.06
CA ASP A 429 -20.03 -9.03 -47.32
C ASP A 429 -20.71 -9.28 -45.96
N SER A 430 -20.90 -8.23 -45.16
CA SER A 430 -21.42 -8.45 -43.81
C SER A 430 -22.43 -7.37 -43.41
N VAL A 431 -23.23 -7.71 -42.39
CA VAL A 431 -24.11 -6.75 -41.76
C VAL A 431 -23.67 -6.56 -40.32
N SER A 432 -24.03 -5.41 -39.77
CA SER A 432 -23.81 -5.11 -38.36
C SER A 432 -25.01 -4.27 -37.91
N LYS A 433 -25.42 -4.44 -36.66
CA LYS A 433 -26.58 -3.69 -36.19
C LYS A 433 -26.19 -2.27 -35.80
N VAL A 434 -26.94 -1.30 -36.33
CA VAL A 434 -26.76 0.09 -35.95
C VAL A 434 -27.39 0.27 -34.58
N ARG A 435 -26.55 0.40 -33.56
CA ARG A 435 -27.01 0.49 -32.18
C ARG A 435 -26.87 1.92 -31.69
N SER A 436 -27.52 2.18 -30.56
CA SER A 436 -27.19 3.33 -29.74
C SER A 436 -25.89 2.98 -29.00
N TYR A 437 -24.78 3.14 -29.74
CA TYR A 437 -23.49 2.61 -29.30
C TYR A 437 -23.16 3.08 -27.91
N ALA A 438 -22.49 2.22 -27.16
CA ALA A 438 -22.21 2.49 -25.75
C ALA A 438 -21.33 3.71 -25.59
N GLU A 439 -21.72 4.58 -24.66
CA GLU A 439 -20.86 5.67 -24.20
C GLU A 439 -19.85 5.10 -23.22
N VAL A 440 -18.57 5.20 -23.55
CA VAL A 440 -17.51 4.46 -22.87
C VAL A 440 -16.69 5.42 -22.03
N ILE A 441 -16.62 5.16 -20.72
CA ILE A 441 -15.86 5.96 -19.78
C ILE A 441 -14.89 5.03 -19.08
N ILE A 442 -13.61 5.15 -19.37
CA ILE A 442 -12.55 4.31 -18.79
C ILE A 442 -11.56 5.22 -18.06
N LYS A 443 -11.69 5.31 -16.73
CA LYS A 443 -10.99 6.29 -15.91
C LYS A 443 -10.33 5.62 -14.71
N GLY A 444 -9.07 5.97 -14.47
CA GLY A 444 -8.42 5.61 -13.23
C GLY A 444 -7.99 4.17 -13.10
N ASN A 445 -7.82 3.46 -14.20
CA ASN A 445 -7.46 2.05 -14.18
C ASN A 445 -5.96 1.87 -14.29
N ILE A 446 -5.47 0.76 -13.75
CA ILE A 446 -4.11 0.33 -13.88
C ILE A 446 -4.12 -0.97 -14.67
N ILE A 447 -3.39 -1.00 -15.78
CA ILE A 447 -3.38 -2.12 -16.72
C ILE A 447 -1.94 -2.52 -16.96
N ARG A 448 -1.59 -3.74 -16.57
CA ARG A 448 -0.19 -4.12 -16.57
C ARG A 448 -0.05 -5.63 -16.50
N LYS A 449 1.10 -6.11 -16.97
CA LYS A 449 1.56 -7.49 -16.80
C LYS A 449 0.75 -8.52 -17.56
N ASN A 450 -0.16 -8.11 -18.45
CA ASN A 450 -0.98 -9.11 -19.14
C ASN A 450 -0.37 -9.48 -20.47
N ARG A 451 -0.79 -10.63 -20.98
CA ARG A 451 -0.51 -10.96 -22.36
C ARG A 451 -1.32 -10.07 -23.28
N ALA A 452 -0.68 -9.60 -24.36
CA ALA A 452 -1.33 -8.95 -25.50
C ALA A 452 -1.62 -7.48 -25.21
N ARG A 453 -2.78 -7.00 -25.63
CA ARG A 453 -3.06 -5.57 -25.71
C ARG A 453 -3.64 -5.00 -24.40
N GLY A 454 -3.67 -3.68 -24.31
CA GLY A 454 -4.35 -3.03 -23.23
C GLY A 454 -5.84 -2.93 -23.44
N MET A 455 -6.27 -2.00 -24.29
CA MET A 455 -7.68 -1.79 -24.59
C MET A 455 -7.88 -1.88 -26.09
N LEU A 456 -8.87 -2.68 -26.50
CA LEU A 456 -9.31 -2.66 -27.89
C LEU A 456 -10.48 -1.70 -27.95
N LEU A 457 -10.24 -0.52 -28.51
CA LEU A 457 -11.30 0.47 -28.60
C LEU A 457 -12.00 0.29 -29.93
N ASN A 458 -13.06 -0.54 -29.91
CA ASN A 458 -13.95 -0.71 -31.04
C ASN A 458 -15.32 -0.07 -30.77
N SER A 459 -15.35 0.87 -29.84
CA SER A 459 -16.54 1.61 -29.44
C SER A 459 -16.79 2.75 -30.42
N ARG A 460 -17.85 2.65 -31.22
CA ARG A 460 -18.22 3.77 -32.09
C ARG A 460 -18.93 4.89 -31.31
N GLY A 461 -19.39 4.63 -30.10
CA GLY A 461 -19.97 5.69 -29.30
C GLY A 461 -18.92 6.64 -28.71
N LYS A 462 -19.41 7.64 -27.99
CA LYS A 462 -18.51 8.62 -27.37
C LYS A 462 -17.62 7.95 -26.34
N THR A 463 -16.31 8.02 -26.54
CA THR A 463 -15.35 7.26 -25.75
C THR A 463 -14.36 8.18 -25.05
N LEU A 464 -14.17 7.96 -23.74
CA LEU A 464 -13.25 8.75 -22.92
C LEU A 464 -12.28 7.81 -22.23
N ILE A 465 -10.99 7.97 -22.52
CA ILE A 465 -9.92 7.19 -21.89
C ILE A 465 -9.06 8.19 -21.13
N GLU A 466 -9.16 8.21 -19.80
CA GLU A 466 -8.57 9.30 -19.03
C GLU A 466 -7.93 8.78 -17.75
N ASN A 467 -6.65 9.12 -17.53
CA ASN A 467 -5.98 8.90 -16.25
C ASN A 467 -5.87 7.41 -15.94
N ASN A 468 -5.46 6.65 -16.94
CA ASN A 468 -5.18 5.24 -16.79
C ASN A 468 -3.66 5.04 -16.89
N TYR A 469 -3.18 3.99 -16.25
CA TYR A 469 -1.80 3.59 -16.36
C TYR A 469 -1.73 2.33 -17.23
N PHE A 470 -0.84 2.34 -18.22
CA PHE A 470 -0.64 1.22 -19.11
C PHE A 470 0.79 0.74 -19.00
N HIS A 471 0.99 -0.56 -18.73
CA HIS A 471 2.28 -1.19 -19.00
C HIS A 471 2.01 -2.56 -19.61
N THR A 472 1.90 -2.61 -20.93
CA THR A 472 1.49 -3.80 -21.68
C THR A 472 2.56 -4.21 -22.68
N PRO A 473 2.77 -5.51 -22.87
CA PRO A 473 3.71 -5.94 -23.93
C PRO A 473 3.17 -5.66 -25.32
N GLY A 474 1.86 -5.71 -25.51
CA GLY A 474 1.26 -5.36 -26.78
C GLY A 474 0.91 -3.87 -26.81
N SER A 475 0.28 -3.47 -27.93
CA SER A 475 -0.31 -2.15 -28.04
C SER A 475 -1.12 -1.83 -26.79
N ALA A 476 -0.90 -0.65 -26.23
CA ALA A 476 -1.69 -0.21 -25.08
C ALA A 476 -3.13 0.06 -25.48
N ILE A 477 -3.33 0.74 -26.61
CA ILE A 477 -4.64 1.00 -27.17
C ILE A 477 -4.57 0.58 -28.63
N LEU A 478 -5.56 -0.21 -29.07
CA LEU A 478 -5.59 -0.73 -30.43
C LEU A 478 -7.00 -0.53 -31.01
N PHE A 479 -7.08 0.12 -32.17
CA PHE A 479 -8.31 0.18 -32.95
C PHE A 479 -8.28 -0.98 -33.93
N GLU A 480 -9.16 -1.96 -33.73
CA GLU A 480 -9.11 -3.16 -34.56
C GLU A 480 -10.44 -3.36 -35.27
N GLY A 481 -11.02 -4.55 -35.16
CA GLY A 481 -12.21 -4.87 -35.93
C GLY A 481 -11.86 -5.47 -37.29
N ASP A 482 -12.70 -6.40 -37.72
CA ASP A 482 -12.52 -6.99 -39.06
C ASP A 482 -13.80 -7.70 -39.44
N ALA A 483 -13.95 -7.92 -40.74
CA ALA A 483 -14.99 -8.79 -41.25
C ALA A 483 -14.40 -9.93 -42.09
N ASN A 484 -13.35 -10.57 -41.57
CA ASN A 484 -12.80 -11.77 -42.23
C ASN A 484 -12.38 -12.86 -41.26
N PHE A 485 -12.23 -12.60 -39.98
CA PHE A 485 -11.93 -13.71 -39.10
C PHE A 485 -12.63 -13.57 -37.75
N TRP A 486 -12.36 -12.51 -36.99
CA TRP A 486 -13.05 -12.30 -35.72
C TRP A 486 -14.45 -11.76 -35.91
N PHE A 487 -14.70 -11.10 -37.05
CA PHE A 487 -15.99 -10.50 -37.36
C PHE A 487 -16.48 -9.63 -36.21
N GLU A 488 -15.59 -8.76 -35.75
CA GLU A 488 -15.89 -7.79 -34.70
C GLU A 488 -16.02 -6.41 -35.34
N GLN A 489 -17.11 -5.73 -35.02
CA GLN A 489 -17.39 -4.41 -35.57
C GLN A 489 -16.77 -3.34 -34.67
N GLY A 490 -15.89 -2.52 -35.25
CA GLY A 490 -15.29 -1.41 -34.54
C GLY A 490 -15.55 -0.10 -35.25
N GLY A 491 -14.52 0.68 -35.50
CA GLY A 491 -14.74 1.91 -36.22
C GLY A 491 -15.18 3.05 -35.32
N VAL A 492 -14.17 3.72 -34.76
CA VAL A 492 -14.37 4.76 -33.75
C VAL A 492 -14.89 6.04 -34.40
N SER A 493 -15.68 6.81 -33.66
CA SER A 493 -16.19 8.07 -34.17
C SER A 493 -16.02 9.26 -33.24
N ASP A 494 -15.62 9.06 -31.99
CA ASP A 494 -15.44 10.17 -31.06
C ASP A 494 -14.65 9.73 -29.84
N VAL A 495 -13.33 9.91 -29.85
CA VAL A 495 -12.46 9.32 -28.86
C VAL A 495 -11.55 10.40 -28.27
N THR A 496 -11.52 10.46 -26.95
CA THR A 496 -10.61 11.36 -26.24
C THR A 496 -9.69 10.54 -25.34
N ILE A 497 -8.39 10.61 -25.60
CA ILE A 497 -7.41 9.89 -24.80
C ILE A 497 -6.56 10.93 -24.06
N LYS A 498 -6.83 11.17 -22.79
CA LYS A 498 -6.28 12.31 -22.09
C LYS A 498 -5.71 11.92 -20.72
N ASN A 499 -4.48 12.39 -20.47
CA ASN A 499 -3.80 12.31 -19.17
C ASN A 499 -3.62 10.87 -18.68
N ASN A 500 -3.26 9.98 -19.58
CA ASN A 500 -2.84 8.63 -19.21
C ASN A 500 -1.32 8.60 -19.17
N VAL A 501 -0.80 7.54 -18.57
CA VAL A 501 0.63 7.26 -18.57
C VAL A 501 0.84 5.94 -19.29
N PHE A 502 1.65 5.96 -20.35
CA PHE A 502 2.05 4.78 -21.11
C PHE A 502 3.52 4.50 -20.79
N GLU A 503 3.79 3.54 -19.93
CA GLU A 503 5.16 3.31 -19.47
C GLU A 503 5.68 2.06 -20.14
N ASN A 504 6.65 2.23 -21.03
CA ASN A 504 7.33 1.11 -21.67
C ASN A 504 6.33 0.04 -22.14
N SER A 505 5.25 0.50 -22.75
CA SER A 505 4.26 -0.39 -23.31
C SER A 505 4.67 -0.79 -24.72
N PHE A 506 3.94 -1.73 -25.30
CA PHE A 506 4.32 -2.33 -26.57
C PHE A 506 5.78 -2.79 -26.52
N TYR A 507 6.17 -3.39 -25.42
CA TYR A 507 7.55 -3.86 -25.33
C TYR A 507 7.75 -5.23 -25.96
N SER A 508 6.68 -5.91 -26.39
CA SER A 508 6.81 -7.13 -27.18
C SER A 508 6.21 -6.92 -28.56
N GLN A 509 5.36 -7.83 -29.06
CA GLN A 509 4.98 -7.81 -30.46
CA GLN A 509 4.97 -7.76 -30.47
C GLN A 509 3.48 -7.95 -30.72
N TRP A 510 2.63 -7.94 -29.69
CA TRP A 510 1.19 -8.07 -29.95
C TRP A 510 0.62 -6.70 -30.30
N GLY A 511 0.87 -6.28 -31.53
CA GLY A 511 0.36 -5.00 -31.99
C GLY A 511 1.35 -4.34 -32.93
N LYS A 512 1.11 -3.06 -33.25
CA LYS A 512 1.96 -2.34 -34.19
C LYS A 512 2.42 -1.00 -33.62
N GLY A 513 2.47 -0.86 -32.32
CA GLY A 513 2.84 0.40 -31.71
C GLY A 513 2.06 0.62 -30.44
N ILE A 514 2.40 1.70 -29.75
CA ILE A 514 1.78 1.94 -28.45
C ILE A 514 0.30 2.23 -28.62
N ILE A 515 -0.05 3.10 -29.56
CA ILE A 515 -1.43 3.32 -29.98
C ILE A 515 -1.50 3.08 -31.48
N ALA A 516 -2.33 2.12 -31.90
CA ALA A 516 -2.21 1.58 -33.25
C ALA A 516 -3.57 1.22 -33.84
N VAL A 517 -3.60 1.22 -35.17
CA VAL A 517 -4.72 0.71 -35.93
C VAL A 517 -4.27 -0.59 -36.56
N ASP A 518 -5.07 -1.64 -36.41
CA ASP A 518 -4.89 -2.91 -37.12
C ASP A 518 -6.24 -3.40 -37.63
N ALA A 519 -7.07 -2.48 -38.12
CA ALA A 519 -8.37 -2.84 -38.64
C ALA A 519 -8.23 -3.64 -39.93
N GLY A 520 -9.16 -4.56 -40.15
CA GLY A 520 -9.07 -5.50 -41.26
C GLY A 520 -9.41 -4.94 -42.62
N ILE A 521 -8.64 -3.95 -43.06
CA ILE A 521 -8.82 -3.28 -44.34
C ILE A 521 -7.70 -3.71 -45.26
N ASP A 522 -8.04 -4.29 -46.40
CA ASP A 522 -7.03 -4.65 -47.40
C ASP A 522 -6.27 -3.41 -47.83
N ASP A 523 -4.97 -3.59 -48.09
CA ASP A 523 -4.12 -2.48 -48.53
C ASP A 523 -4.77 -1.71 -49.68
N LYS A 524 -5.38 -2.45 -50.62
CA LYS A 524 -6.02 -1.87 -51.80
C LYS A 524 -7.09 -0.84 -51.44
N PHE A 525 -7.69 -0.93 -50.26
CA PHE A 525 -8.80 -0.07 -49.89
C PHE A 525 -8.44 0.93 -48.79
N LYS A 526 -7.20 0.87 -48.28
CA LYS A 526 -6.82 1.76 -47.17
C LYS A 526 -6.95 3.23 -47.56
N GLU A 527 -6.61 3.60 -48.80
CA GLU A 527 -6.61 5.01 -49.16
C GLU A 527 -8.01 5.59 -49.20
N THR A 528 -9.02 4.78 -49.53
CA THR A 528 -10.38 5.31 -49.60
C THR A 528 -11.21 4.98 -48.37
N SER A 529 -10.83 3.97 -47.59
CA SER A 529 -11.57 3.63 -46.38
C SER A 529 -11.18 4.53 -45.22
N ARG A 530 -12.17 5.17 -44.58
CA ARG A 530 -11.93 5.93 -43.35
C ARG A 530 -12.78 5.28 -42.26
N TYR A 531 -12.15 4.41 -41.46
CA TYR A 531 -12.86 3.58 -40.52
C TYR A 531 -12.91 4.16 -39.11
N ASN A 532 -11.88 4.91 -38.71
CA ASN A 532 -11.83 5.53 -37.39
C ASN A 532 -11.71 7.04 -37.54
N LYS A 533 -12.54 7.78 -36.79
CA LYS A 533 -12.68 9.22 -36.98
C LYS A 533 -12.70 9.95 -35.64
N ASN A 534 -12.13 11.16 -35.64
CA ASN A 534 -12.35 12.16 -34.60
C ASN A 534 -11.74 11.74 -33.28
N ILE A 535 -10.41 11.75 -33.23
CA ILE A 535 -9.63 11.23 -32.11
C ILE A 535 -8.74 12.35 -31.59
N VAL A 536 -8.80 12.61 -30.29
CA VAL A 536 -7.92 13.59 -29.66
C VAL A 536 -7.06 12.88 -28.63
N ILE A 537 -5.74 12.99 -28.77
CA ILE A 537 -4.78 12.41 -27.82
C ILE A 537 -3.98 13.56 -27.23
N LYS A 538 -4.35 13.99 -26.03
CA LYS A 538 -3.76 15.17 -25.42
C LYS A 538 -3.40 14.90 -23.96
N GLY A 539 -2.40 15.62 -23.46
CA GLY A 539 -2.08 15.61 -22.04
C GLY A 539 -1.53 14.31 -21.48
N ASN A 540 -1.04 13.41 -22.32
CA ASN A 540 -0.51 12.13 -21.88
C ASN A 540 1.01 12.19 -21.70
N THR A 541 1.52 11.26 -20.89
CA THR A 541 2.94 10.99 -20.77
C THR A 541 3.21 9.65 -21.43
N PHE A 542 4.06 9.64 -22.44
CA PHE A 542 4.53 8.39 -23.02
C PHE A 542 5.99 8.21 -22.57
N LYS A 543 6.22 7.21 -21.74
CA LYS A 543 7.57 6.82 -21.34
C LYS A 543 7.95 5.64 -22.22
N VAL A 544 8.88 5.87 -23.15
CA VAL A 544 9.22 4.90 -24.17
C VAL A 544 10.70 4.53 -24.05
N PHE A 545 11.03 3.29 -24.40
CA PHE A 545 12.40 2.83 -24.27
C PHE A 545 13.14 2.75 -25.61
N ASP A 546 12.43 2.81 -26.73
CA ASP A 546 13.07 2.83 -28.05
C ASP A 546 12.20 3.66 -28.98
N LYS A 547 12.41 3.52 -30.29
CA LYS A 547 11.72 4.36 -31.26
C LYS A 547 10.67 3.58 -32.04
N ALA A 548 10.02 2.62 -31.37
CA ALA A 548 8.79 2.02 -31.88
C ALA A 548 7.70 3.08 -31.98
N PRO A 549 6.71 2.87 -32.85
CA PRO A 549 5.67 3.89 -33.02
C PRO A 549 4.89 4.15 -31.73
N ILE A 550 4.81 5.43 -31.37
CA ILE A 550 3.78 5.86 -30.42
C ILE A 550 2.41 5.81 -31.08
N LEU A 551 2.32 6.36 -32.30
CA LEU A 551 1.15 6.23 -33.17
C LEU A 551 1.52 5.44 -34.42
N ASN A 552 0.68 4.45 -34.76
CA ASN A 552 0.80 3.73 -36.02
C ASN A 552 -0.62 3.65 -36.61
N LEU A 553 -0.89 4.49 -37.62
CA LEU A 553 -2.25 4.78 -38.07
C LEU A 553 -2.42 4.48 -39.56
N PHE A 554 -3.60 3.97 -39.91
CA PHE A 554 -4.06 4.01 -41.30
C PHE A 554 -5.57 4.13 -41.33
N SER A 555 -6.08 4.77 -42.39
CA SER A 555 -7.52 4.91 -42.64
C SER A 555 -8.21 5.68 -41.52
N VAL A 556 -7.50 6.68 -40.99
CA VAL A 556 -8.00 7.56 -39.95
C VAL A 556 -8.31 8.92 -40.56
N SER A 557 -9.36 9.57 -40.07
CA SER A 557 -9.60 10.97 -40.37
C SER A 557 -9.78 11.74 -39.07
N ASN A 558 -9.12 12.90 -39.00
CA ASN A 558 -9.28 13.87 -37.93
C ASN A 558 -8.76 13.33 -36.60
N LEU A 559 -7.43 13.30 -36.45
CA LEU A 559 -6.75 12.97 -35.20
C LEU A 559 -5.81 14.10 -34.82
N VAL A 560 -5.82 14.50 -33.54
CA VAL A 560 -4.98 15.55 -33.00
C VAL A 560 -4.15 14.96 -31.87
N PHE A 561 -2.83 15.09 -31.97
CA PHE A 561 -1.86 14.63 -30.98
C PHE A 561 -1.12 15.86 -30.46
N GLU A 562 -1.52 16.39 -29.30
CA GLU A 562 -1.06 17.69 -28.83
C GLU A 562 -0.83 17.65 -27.32
N ASN A 563 0.13 18.46 -26.86
CA ASN A 563 0.40 18.63 -25.43
C ASN A 563 0.69 17.30 -24.74
N ASN A 564 1.49 16.46 -25.37
CA ASN A 564 1.90 15.22 -24.73
C ASN A 564 3.37 15.33 -24.35
N ILE A 565 3.75 14.59 -23.33
CA ILE A 565 5.13 14.48 -22.91
C ILE A 565 5.63 13.12 -23.36
N ILE A 566 6.71 13.10 -24.13
CA ILE A 566 7.36 11.86 -24.54
C ILE A 566 8.74 11.83 -23.91
N GLU A 567 9.07 10.73 -23.24
CA GLU A 567 10.25 10.71 -22.38
C GLU A 567 10.98 9.39 -22.55
N LYS A 568 12.26 9.46 -22.91
CA LYS A 568 13.05 8.26 -23.20
C LYS A 568 13.46 7.56 -21.90
N THR A 569 13.42 6.22 -21.93
CA THR A 569 13.92 5.39 -20.83
C THR A 569 14.86 4.35 -21.43
N THR A 570 15.47 3.55 -20.55
CA THR A 570 16.30 2.42 -20.98
C THR A 570 15.79 1.12 -20.37
N GLU A 571 14.49 1.04 -20.12
CA GLU A 571 13.90 -0.08 -19.39
C GLU A 571 14.10 -1.41 -20.12
N TYR A 572 14.13 -1.41 -21.45
CA TYR A 572 14.30 -2.63 -22.22
C TYR A 572 15.29 -2.34 -23.33
N PRO A 573 15.94 -3.36 -23.88
CA PRO A 573 16.84 -3.15 -25.01
C PRO A 573 16.11 -2.54 -26.20
N GLU A 574 16.77 -1.59 -26.87
CA GLU A 574 16.21 -0.97 -28.06
C GLU A 574 16.21 -1.95 -29.24
N ARG A 575 15.10 -1.97 -29.97
CA ARG A 575 14.89 -2.86 -31.10
C ARG A 575 15.25 -2.12 -32.38
N LYS A 576 16.25 -2.61 -33.10
CA LYS A 576 16.81 -1.87 -34.24
C LYS A 576 15.83 -1.76 -35.41
N LYS A 577 14.75 -2.55 -35.44
CA LYS A 577 13.77 -2.51 -36.52
C LYS A 577 12.87 -1.28 -36.48
N TYR A 578 12.89 -0.51 -35.40
CA TYR A 578 12.02 0.66 -35.24
C TYR A 578 12.86 1.93 -35.21
N ASN A 579 12.51 2.89 -36.08
CA ASN A 579 13.16 4.19 -36.03
C ASN A 579 12.17 5.28 -36.40
N SER A 580 11.00 5.27 -35.76
CA SER A 580 9.95 6.24 -36.06
C SER A 580 8.83 6.22 -35.02
N LEU A 581 8.65 7.33 -34.31
CA LEU A 581 7.58 7.44 -33.33
C LEU A 581 6.21 7.62 -33.96
N PHE A 582 6.13 8.04 -35.22
CA PHE A 582 4.85 8.36 -35.85
C PHE A 582 4.81 7.78 -37.26
N VAL A 583 4.16 6.62 -37.40
CA VAL A 583 3.99 5.95 -38.69
C VAL A 583 2.55 6.18 -39.14
N ILE A 584 2.38 6.87 -40.28
CA ILE A 584 1.04 7.24 -40.73
C ILE A 584 0.91 6.98 -42.23
N ASN A 585 -0.15 6.27 -42.60
CA ASN A 585 -0.47 5.92 -43.97
C ASN A 585 -1.95 6.16 -44.21
N ASN A 586 -2.30 6.54 -45.44
CA ASN A 586 -3.68 6.50 -45.91
C ASN A 586 -4.65 7.11 -44.90
N SER A 587 -4.33 8.32 -44.45
CA SER A 587 -5.15 9.02 -43.48
C SER A 587 -5.28 10.47 -43.92
N ASP A 588 -6.06 11.25 -43.18
CA ASP A 588 -6.21 12.66 -43.52
C ASP A 588 -6.55 13.44 -42.27
N ASN A 589 -6.18 14.73 -42.29
CA ASN A 589 -6.37 15.64 -41.16
C ASN A 589 -5.74 15.09 -39.88
N ILE A 590 -4.48 14.68 -39.99
CA ILE A 590 -3.70 14.21 -38.84
C ILE A 590 -2.75 15.33 -38.42
N THR A 591 -2.92 15.83 -37.20
CA THR A 591 -2.05 16.86 -36.64
C THR A 591 -1.20 16.24 -35.54
N ILE A 592 0.10 16.14 -35.79
CA ILE A 592 1.07 15.80 -34.76
C ILE A 592 1.73 17.12 -34.39
N SER A 593 1.21 17.74 -33.34
CA SER A 593 1.39 19.17 -33.13
C SER A 593 2.80 19.50 -32.62
N ILE A 594 3.15 20.78 -32.78
CA ILE A 594 4.46 21.27 -32.40
C ILE A 594 4.60 21.38 -30.89
N ASN A 595 3.49 21.47 -30.15
CA ASN A 595 3.53 21.74 -28.72
C ASN A 595 3.69 20.47 -27.87
N ASN A 596 4.06 19.35 -28.47
CA ASN A 596 4.48 18.20 -27.69
C ASN A 596 5.91 18.38 -27.19
N ILE A 597 6.21 17.73 -26.08
CA ILE A 597 7.49 17.86 -25.40
C ILE A 597 8.22 16.53 -25.43
N LEU A 598 9.52 16.59 -25.74
CA LEU A 598 10.38 15.43 -25.77
C LEU A 598 11.50 15.62 -24.76
N GLN A 599 11.73 14.60 -23.94
CA GLN A 599 12.74 14.62 -22.90
C GLN A 599 13.69 13.45 -23.11
N GLY A 600 14.99 13.70 -22.98
CA GLY A 600 15.97 12.64 -22.96
C GLY A 600 16.32 12.01 -24.29
N PHE A 601 16.00 12.66 -25.41
CA PHE A 601 16.35 12.11 -26.73
C PHE A 601 17.56 12.83 -27.32
N SER A 602 18.33 12.06 -28.10
CA SER A 602 19.50 12.60 -28.78
C SER A 602 19.11 13.62 -29.86
N GLU A 603 18.12 13.29 -30.68
CA GLU A 603 17.72 14.14 -31.80
C GLU A 603 16.70 15.19 -31.35
N GLY A 604 16.46 16.18 -32.23
CA GLY A 604 15.51 17.24 -31.94
C GLY A 604 14.07 16.86 -32.20
N LYS A 605 13.16 17.61 -31.58
CA LYS A 605 11.74 17.28 -31.71
C LYS A 605 11.25 17.36 -33.16
N SER A 606 11.90 18.15 -34.03
CA SER A 606 11.37 18.27 -35.38
C SER A 606 11.63 17.01 -36.19
N GLN A 607 12.76 16.34 -35.97
CA GLN A 607 12.95 15.01 -36.56
C GLN A 607 11.99 14.00 -35.93
N LEU A 608 11.88 14.00 -34.60
CA LEU A 608 11.21 12.90 -33.91
C LEU A 608 9.70 12.94 -34.09
N LEU A 609 9.11 14.13 -34.20
CA LEU A 609 7.68 14.28 -34.39
C LEU A 609 7.28 14.23 -35.86
N SER A 610 8.19 13.86 -36.75
CA SER A 610 7.87 13.94 -38.17
C SER A 610 7.46 12.57 -38.70
N PRO A 611 6.28 12.46 -39.33
CA PRO A 611 5.73 11.13 -39.69
C PRO A 611 6.47 10.46 -40.83
N THR A 612 6.61 9.14 -40.71
CA THR A 612 7.07 8.26 -41.79
C THR A 612 5.92 7.38 -42.24
N THR A 613 6.12 6.72 -43.39
CA THR A 613 5.24 5.67 -43.84
C THR A 613 5.70 4.28 -43.39
N THR A 614 6.98 4.16 -43.01
CA THR A 614 7.63 2.92 -42.64
C THR A 614 8.12 2.98 -41.20
N TYR A 615 8.42 1.80 -40.64
CA TYR A 615 9.08 1.71 -39.34
C TYR A 615 10.47 2.32 -39.36
N LYS A 616 11.29 1.96 -40.37
CA LYS A 616 12.61 2.55 -40.59
C LYS A 616 12.65 3.35 -41.87
N ARG A 617 13.73 3.18 -42.65
CA ARG A 617 13.97 3.96 -43.87
C ARG A 617 14.79 3.14 -44.87
N ASP B 25 33.18 -18.45 36.85
CA ASP B 25 34.31 -17.82 36.18
C ASP B 25 33.86 -17.10 34.90
N LYS B 26 33.14 -17.79 34.04
CA LYS B 26 32.49 -17.15 32.91
C LYS B 26 31.10 -16.61 33.24
N VAL B 27 30.29 -17.34 34.02
CA VAL B 27 28.91 -16.96 34.29
C VAL B 27 28.72 -16.80 35.79
N ILE B 28 28.15 -15.67 36.19
CA ILE B 28 27.93 -15.34 37.59
C ILE B 28 26.43 -15.40 37.88
N ASP B 29 26.07 -16.18 38.88
CA ASP B 29 24.69 -16.26 39.33
C ASP B 29 24.51 -15.25 40.45
N VAL B 30 23.60 -14.28 40.25
CA VAL B 30 23.46 -13.21 41.21
C VAL B 30 23.00 -13.70 42.57
N SER B 31 22.37 -14.87 42.64
CA SER B 31 21.96 -15.38 43.94
C SER B 31 23.15 -15.90 44.75
N ASP B 32 24.28 -16.22 44.10
CA ASP B 32 25.51 -16.51 44.82
C ASP B 32 26.04 -15.29 45.57
N PHE B 33 25.54 -14.10 45.26
CA PHE B 33 25.94 -12.90 45.98
C PHE B 33 24.85 -12.38 46.91
N GLY B 34 23.81 -13.18 47.17
CA GLY B 34 22.81 -12.81 48.15
C GLY B 34 21.54 -12.20 47.61
N ALA B 35 21.41 -12.01 46.30
CA ALA B 35 20.14 -11.56 45.72
C ALA B 35 19.14 -12.70 45.78
N ILE B 36 18.07 -12.52 46.55
CA ILE B 36 17.06 -13.54 46.79
C ILE B 36 15.76 -13.11 46.13
N LYS B 37 15.18 -14.01 45.35
CA LYS B 37 13.97 -13.69 44.62
C LYS B 37 12.73 -13.81 45.50
N ASP B 38 11.71 -13.05 45.14
CA ASP B 38 10.33 -13.18 45.60
C ASP B 38 10.10 -12.82 47.05
N THR B 39 11.13 -12.44 47.80
CA THR B 39 10.95 -12.03 49.20
C THR B 39 10.55 -10.57 49.35
N GLY B 40 10.88 -9.71 48.39
CA GLY B 40 10.71 -8.29 48.57
C GLY B 40 11.87 -7.56 49.22
N SER B 41 12.93 -8.27 49.61
CA SER B 41 14.10 -7.58 50.15
C SER B 41 14.85 -6.85 49.03
N ASP B 42 15.65 -5.85 49.41
CA ASP B 42 16.46 -5.10 48.46
C ASP B 42 17.59 -5.98 47.93
N SER B 43 17.69 -6.14 46.61
CA SER B 43 18.76 -6.91 45.98
C SER B 43 19.88 -6.02 45.40
N THR B 44 19.86 -4.72 45.70
CA THR B 44 20.75 -3.78 45.04
C THR B 44 22.21 -4.03 45.37
N HIS B 45 22.54 -4.19 46.66
CA HIS B 45 23.94 -4.34 47.03
C HIS B 45 24.49 -5.66 46.56
N SER B 46 23.72 -6.74 46.72
CA SER B 46 24.18 -8.03 46.19
C SER B 46 24.45 -7.91 44.71
N LEU B 47 23.56 -7.23 43.99
CA LEU B 47 23.75 -7.03 42.57
C LEU B 47 25.03 -6.25 42.31
N TYR B 48 25.26 -5.20 43.09
CA TYR B 48 26.48 -4.39 42.91
C TYR B 48 27.72 -5.26 43.06
N LYS B 49 27.75 -6.10 44.09
CA LYS B 49 28.90 -6.95 44.31
C LYS B 49 29.08 -7.95 43.17
N ALA B 50 27.96 -8.46 42.62
CA ALA B 50 28.08 -9.39 41.50
C ALA B 50 28.62 -8.69 40.26
N LEU B 51 28.25 -7.43 40.05
CA LEU B 51 28.81 -6.67 38.92
C LEU B 51 30.31 -6.44 39.08
N GLN B 52 30.75 -6.05 40.28
CA GLN B 52 32.18 -5.78 40.49
C GLN B 52 33.00 -7.05 40.34
N GLU B 53 32.47 -8.19 40.79
CA GLU B 53 33.18 -9.43 40.58
C GLU B 53 33.27 -9.79 39.11
N ALA B 54 32.21 -9.55 38.33
CA ALA B 54 32.24 -9.82 36.90
C ALA B 54 33.32 -9.00 36.21
N LYS B 55 33.51 -7.75 36.61
CA LYS B 55 34.56 -6.93 36.01
C LYS B 55 35.94 -7.39 36.47
N LYS B 56 36.07 -7.79 37.72
CA LYS B 56 37.34 -8.25 38.25
C LYS B 56 37.82 -9.48 37.51
N ILE B 57 36.90 -10.43 37.29
CA ILE B 57 37.27 -11.74 36.79
C ILE B 57 37.17 -11.85 35.27
N GLY B 58 36.55 -10.88 34.62
CA GLY B 58 36.35 -11.01 33.19
C GLY B 58 35.23 -11.94 32.79
N ALA B 59 34.21 -12.09 33.65
CA ALA B 59 33.02 -12.86 33.31
C ALA B 59 32.23 -12.20 32.19
N THR B 60 31.49 -13.02 31.45
CA THR B 60 30.78 -12.59 30.26
C THR B 60 29.28 -12.57 30.44
N LYS B 61 28.77 -13.02 31.59
CA LYS B 61 27.32 -13.09 31.78
C LYS B 61 27.01 -13.07 33.26
N ILE B 62 25.92 -12.38 33.60
CA ILE B 62 25.33 -12.45 34.93
C ILE B 62 23.89 -12.90 34.74
N THR B 63 23.46 -13.90 35.53
CA THR B 63 22.11 -14.45 35.42
C THR B 63 21.34 -14.28 36.71
N PHE B 64 20.01 -14.15 36.56
CA PHE B 64 19.08 -14.12 37.66
C PHE B 64 18.27 -15.40 37.68
N PRO B 65 18.24 -16.16 38.77
CA PRO B 65 17.19 -17.19 38.89
C PRO B 65 15.85 -16.52 38.69
N LYS B 66 15.05 -17.06 37.79
CA LYS B 66 13.79 -16.41 37.44
C LYS B 66 12.96 -16.11 38.68
N GLY B 67 12.57 -14.86 38.83
CA GLY B 67 11.69 -14.49 39.93
C GLY B 67 11.47 -13.00 40.00
N ARG B 68 10.97 -12.54 41.13
CA ARG B 68 10.77 -11.11 41.35
C ARG B 68 11.90 -10.55 42.18
N TYR B 69 12.47 -9.44 41.73
CA TYR B 69 13.55 -8.78 42.45
C TYR B 69 13.17 -7.34 42.69
N ASP B 70 13.43 -6.85 43.91
CA ASP B 70 13.10 -5.47 44.28
C ASP B 70 14.36 -4.67 44.57
N PHE B 71 14.34 -3.41 44.15
CA PHE B 71 15.49 -2.55 44.27
C PHE B 71 15.05 -1.21 44.87
N TYR B 72 15.79 -0.73 45.86
CA TYR B 72 15.44 0.47 46.62
C TYR B 72 16.52 1.53 46.46
N GLU B 73 16.28 2.70 47.08
CA GLU B 73 17.19 3.83 46.94
C GLU B 73 18.40 3.75 47.86
N GLU B 74 18.22 3.17 49.05
CA GLU B 74 19.11 3.40 50.19
C GLU B 74 20.56 3.01 49.89
N ARG B 75 20.76 1.94 49.13
CA ARG B 75 22.11 1.44 48.83
C ARG B 75 22.48 1.55 47.36
N ALA B 76 21.79 2.39 46.57
CA ALA B 76 22.11 2.54 45.16
C ALA B 76 23.25 3.53 44.97
N ALA B 77 24.12 3.24 44.00
CA ALA B 77 25.26 4.11 43.71
C ALA B 77 24.80 5.44 43.10
N ASP B 78 25.45 6.53 43.52
CA ASP B 78 25.08 7.89 43.14
C ASP B 78 26.15 8.52 42.24
N ARG B 79 25.70 9.20 41.19
CA ARG B 79 26.56 9.79 40.16
C ARG B 79 25.87 11.02 39.59
N LEU B 80 26.63 12.08 39.35
CA LEU B 80 26.14 13.13 38.47
C LEU B 80 25.91 12.57 37.07
N MET B 81 24.76 12.88 36.47
CA MET B 81 24.47 12.50 35.09
C MET B 81 23.79 13.65 34.36
N TYR B 82 24.23 13.93 33.14
CA TYR B 82 23.44 14.69 32.19
C TYR B 82 22.89 13.72 31.16
N ILE B 83 21.59 13.81 30.86
CA ILE B 83 20.94 12.85 29.98
C ILE B 83 20.09 13.63 28.98
N SER B 84 20.44 13.54 27.71
CA SER B 84 19.82 14.41 26.72
C SER B 84 18.31 14.23 26.67
N ASN B 85 17.58 15.35 26.57
CA ASN B 85 16.12 15.37 26.49
C ASN B 85 15.48 14.77 27.73
N ASN B 86 16.23 14.64 28.82
CA ASN B 86 15.70 14.24 30.12
C ASN B 86 16.28 15.19 31.18
N ASP B 87 15.96 14.95 32.44
CA ASP B 87 16.44 15.95 33.41
C ASP B 87 17.76 15.53 34.03
N PRO B 88 18.69 16.47 34.17
CA PRO B 88 19.98 16.18 34.79
C PRO B 88 19.90 16.21 36.31
N GLY B 89 20.92 15.62 36.94
CA GLY B 89 21.07 15.70 38.39
C GLY B 89 21.80 14.49 38.94
N ILE B 90 21.71 14.33 40.24
CA ILE B 90 22.24 13.14 40.89
C ILE B 90 21.27 12.00 40.65
N LYS B 91 21.78 10.90 40.11
CA LYS B 91 20.97 9.70 39.90
C LYS B 91 21.46 8.64 40.87
N ARG B 92 20.50 7.92 41.47
CA ARG B 92 20.76 6.64 42.12
C ARG B 92 20.50 5.54 41.09
N ILE B 93 21.50 4.71 40.86
CA ILE B 93 21.48 3.79 39.73
C ILE B 93 21.54 2.36 40.24
N THR B 94 20.59 1.53 39.82
CA THR B 94 20.58 0.14 40.29
C THR B 94 21.60 -0.71 39.53
N PHE B 95 21.71 -0.53 38.20
CA PHE B 95 22.71 -1.21 37.38
C PHE B 95 23.73 -0.19 36.88
N PRO B 96 24.73 0.16 37.64
CA PRO B 96 25.66 1.20 37.17
C PRO B 96 26.70 0.62 36.25
N LEU B 97 26.38 0.50 34.96
CA LEU B 97 27.27 -0.20 34.02
C LEU B 97 28.24 0.80 33.40
N SER B 98 29.15 1.29 34.23
CA SER B 98 30.18 2.21 33.78
C SER B 98 31.44 1.41 33.48
N SER B 99 32.02 1.65 32.30
CA SER B 99 33.21 0.93 31.83
C SER B 99 33.12 -0.56 32.07
N PHE B 100 32.03 -1.17 31.61
CA PHE B 100 31.97 -2.62 31.48
C PHE B 100 32.18 -3.01 30.02
N ASN B 101 32.59 -4.26 29.81
CA ASN B 101 32.91 -4.76 28.49
C ASN B 101 32.46 -6.21 28.35
N ASN B 102 31.83 -6.53 27.22
CA ASN B 102 31.62 -7.93 26.87
C ASN B 102 30.88 -8.64 28.01
N LEU B 103 29.73 -8.08 28.39
CA LEU B 103 28.97 -8.53 29.53
C LEU B 103 27.50 -8.64 29.14
N GLU B 104 26.91 -9.80 29.41
CA GLU B 104 25.49 -10.02 29.15
C GLU B 104 24.76 -10.18 30.47
N ILE B 105 23.61 -9.55 30.59
CA ILE B 105 22.76 -9.65 31.77
C ILE B 105 21.47 -10.36 31.34
N ASP B 106 21.32 -11.62 31.74
CA ASP B 106 20.18 -12.44 31.35
C ASP B 106 19.29 -12.60 32.58
N GLY B 107 18.10 -12.01 32.53
CA GLY B 107 17.19 -12.07 33.66
C GLY B 107 16.31 -13.30 33.72
N ASN B 108 16.38 -14.19 32.73
CA ASN B 108 15.57 -15.41 32.71
C ASN B 108 14.09 -15.11 32.92
N ASN B 109 13.65 -13.98 32.34
CA ASN B 109 12.27 -13.50 32.42
C ASN B 109 11.89 -13.12 33.85
N SER B 110 12.85 -12.70 34.67
CA SER B 110 12.50 -12.13 35.95
C SER B 110 11.80 -10.80 35.75
N THR B 111 11.17 -10.32 36.82
CA THR B 111 10.59 -8.99 36.82
C THR B 111 11.31 -8.16 37.89
N PHE B 112 11.79 -6.99 37.48
CA PHE B 112 12.51 -6.07 38.36
C PHE B 112 11.59 -4.93 38.74
N ILE B 113 11.47 -4.66 40.04
CA ILE B 113 10.60 -3.61 40.55
C ILE B 113 11.47 -2.58 41.26
N PHE B 114 11.34 -1.32 40.87
CA PHE B 114 12.16 -0.24 41.40
C PHE B 114 11.32 0.66 42.29
N HIS B 115 11.73 0.83 43.53
CA HIS B 115 11.00 1.64 44.49
C HIS B 115 11.66 3.02 44.59
N GLY B 116 10.95 4.03 44.10
CA GLY B 116 11.34 5.41 44.27
C GLY B 116 12.15 5.96 43.12
N GLY B 117 13.03 6.92 43.42
CA GLY B 117 13.80 7.59 42.38
C GLY B 117 15.06 6.85 41.98
N LEU B 118 14.92 5.82 41.16
CA LEU B 118 16.06 5.07 40.67
C LEU B 118 16.09 5.17 39.15
N VAL B 119 17.30 5.23 38.59
CA VAL B 119 17.48 4.98 37.17
C VAL B 119 17.88 3.53 37.05
N PRO B 120 17.08 2.67 36.42
CA PRO B 120 17.40 1.24 36.43
C PRO B 120 18.77 0.94 35.83
N PHE B 121 19.06 1.40 34.62
CA PHE B 121 20.30 1.06 33.94
C PHE B 121 20.96 2.31 33.39
N ILE B 122 22.23 2.48 33.70
CA ILE B 122 23.04 3.46 32.98
C ILE B 122 24.25 2.73 32.43
N LEU B 123 24.39 2.76 31.11
CA LEU B 123 25.54 2.23 30.41
C LEU B 123 26.37 3.44 30.02
N ASP B 124 27.57 3.54 30.59
CA ASP B 124 28.42 4.70 30.40
C ASP B 124 29.81 4.23 30.02
N GLU B 125 30.29 4.64 28.84
CA GLU B 125 31.59 4.21 28.32
C GLU B 125 31.76 2.70 28.43
N SER B 126 30.74 1.99 27.99
CA SER B 126 30.70 0.53 28.01
C SER B 126 30.63 0.02 26.59
N SER B 127 30.82 -1.29 26.44
CA SER B 127 30.98 -1.84 25.10
C SER B 127 30.57 -3.30 25.11
N HIS B 128 29.81 -3.71 24.09
CA HIS B 128 29.28 -5.07 23.96
C HIS B 128 28.54 -5.51 25.23
N ILE B 129 27.45 -4.80 25.48
CA ILE B 129 26.57 -5.09 26.61
C ILE B 129 25.26 -5.62 26.03
N VAL B 130 24.83 -6.78 26.50
CA VAL B 130 23.56 -7.36 26.08
C VAL B 130 22.66 -7.41 27.30
N LEU B 131 21.45 -6.86 27.18
CA LEU B 131 20.41 -7.02 28.19
C LEU B 131 19.28 -7.87 27.59
N ARG B 132 18.91 -8.94 28.28
CA ARG B 132 17.83 -9.77 27.74
C ARG B 132 16.96 -10.35 28.86
N ASN B 133 15.67 -10.53 28.53
CA ASN B 133 14.73 -11.35 29.29
C ASN B 133 14.48 -10.84 30.70
N PHE B 134 14.01 -9.60 30.82
CA PHE B 134 13.45 -9.15 32.09
C PHE B 134 12.52 -7.97 31.82
N SER B 135 11.80 -7.59 32.86
CA SER B 135 10.91 -6.47 32.80
C SER B 135 11.28 -5.46 33.88
N ILE B 136 10.95 -4.20 33.63
CA ILE B 136 11.27 -3.07 34.48
C ILE B 136 9.97 -2.38 34.86
N ASP B 137 9.78 -2.13 36.16
CA ASP B 137 8.61 -1.38 36.56
C ASP B 137 8.90 -0.73 37.91
N PHE B 138 8.14 0.32 38.22
CA PHE B 138 8.24 1.02 39.50
C PHE B 138 7.02 0.73 40.34
N SER B 139 7.19 0.76 41.66
CA SER B 139 6.09 0.30 42.52
C SER B 139 4.97 1.31 42.56
N ARG B 140 5.27 2.61 42.42
CA ARG B 140 4.26 3.62 42.17
C ARG B 140 4.63 4.40 40.92
N ALA B 141 3.70 4.53 39.97
CA ALA B 141 4.01 5.25 38.75
C ALA B 141 4.35 6.71 39.04
N PHE B 142 5.15 7.32 38.16
CA PHE B 142 5.50 8.73 38.32
C PHE B 142 4.36 9.64 37.86
N HIS B 143 3.59 9.20 36.87
CA HIS B 143 2.35 9.87 36.50
C HIS B 143 1.22 9.31 37.37
N SER B 144 0.01 9.83 37.19
CA SER B 144 -1.18 9.28 37.86
C SER B 144 -2.38 9.28 36.91
N GLU B 145 -3.29 8.36 37.18
CA GLU B 145 -4.47 8.13 36.36
C GLU B 145 -5.70 8.10 37.26
N ALA B 146 -6.85 8.51 36.71
CA ALA B 146 -8.12 8.49 37.42
C ALA B 146 -9.27 8.27 36.45
N LEU B 147 -10.32 7.61 36.94
CA LEU B 147 -11.58 7.52 36.21
C LEU B 147 -12.32 8.86 36.30
N ILE B 148 -12.85 9.33 35.18
CA ILE B 148 -13.66 10.54 35.15
C ILE B 148 -15.11 10.11 35.44
N ALA B 149 -15.63 10.51 36.60
CA ALA B 149 -16.97 10.12 37.03
C ALA B 149 -18.01 11.19 36.80
N GLY B 150 -17.59 12.43 36.57
CA GLY B 150 -18.49 13.49 36.18
C GLY B 150 -17.68 14.68 35.72
N ALA B 151 -18.33 15.57 34.96
CA ALA B 151 -17.66 16.75 34.44
C ALA B 151 -18.61 17.95 34.48
N GLY B 152 -18.03 19.14 34.42
CA GLY B 152 -18.82 20.35 34.44
C GLY B 152 -17.95 21.55 34.12
N LYS B 153 -18.55 22.73 34.24
CA LYS B 153 -17.84 23.96 33.95
C LYS B 153 -16.69 24.14 34.93
N GLY B 154 -15.47 23.99 34.43
CA GLY B 154 -14.29 24.23 35.23
C GLY B 154 -13.96 23.16 36.25
N TYR B 155 -14.38 21.92 36.06
CA TYR B 155 -14.06 20.90 37.03
C TYR B 155 -14.25 19.52 36.42
N LEU B 156 -13.65 18.53 37.09
CA LEU B 156 -13.88 17.13 36.82
C LEU B 156 -14.00 16.40 38.14
N ASP B 157 -14.82 15.35 38.16
CA ASP B 157 -14.95 14.49 39.31
C ASP B 157 -14.22 13.20 38.99
N LEU B 158 -13.29 12.81 39.86
CA LEU B 158 -12.34 11.74 39.58
C LEU B 158 -12.39 10.69 40.67
N LYS B 159 -12.22 9.43 40.29
CA LYS B 159 -12.05 8.35 41.22
C LYS B 159 -10.68 7.73 40.98
N PHE B 160 -9.87 7.63 42.02
CA PHE B 160 -8.53 7.06 41.93
C PHE B 160 -8.52 5.65 42.49
N THR B 161 -7.84 4.75 41.80
CA THR B 161 -7.55 3.45 42.39
C THR B 161 -6.38 3.58 43.35
N ASP B 162 -6.16 2.49 44.10
CA ASP B 162 -5.23 2.51 45.24
C ASP B 162 -3.79 2.77 44.82
N GLN B 163 -3.39 2.34 43.63
CA GLN B 163 -1.99 2.43 43.24
C GLN B 163 -1.56 3.85 42.87
N PHE B 164 -2.43 4.85 42.98
CA PHE B 164 -2.07 6.25 42.78
C PHE B 164 -2.46 7.04 44.03
N PRO B 165 -1.73 6.87 45.13
CA PRO B 165 -2.08 7.60 46.35
C PRO B 165 -1.94 9.11 46.16
N TYR B 166 -2.76 9.84 46.90
CA TYR B 166 -2.71 11.29 46.89
C TYR B 166 -3.10 11.80 48.27
N LYS B 167 -2.78 13.06 48.51
CA LYS B 167 -3.34 13.82 49.61
C LYS B 167 -3.83 15.15 49.04
N ILE B 168 -4.83 15.73 49.70
CA ILE B 168 -5.25 17.11 49.46
C ILE B 168 -4.88 17.90 50.70
N ASN B 169 -3.96 18.85 50.56
CA ASN B 169 -3.44 19.47 51.78
C ASN B 169 -4.41 20.55 52.27
N GLU B 170 -4.11 21.11 53.45
CA GLU B 170 -5.01 22.10 54.04
C GLU B 170 -5.20 23.29 53.11
N ALA B 171 -4.29 23.49 52.16
CA ALA B 171 -4.44 24.58 51.20
C ALA B 171 -5.46 24.29 50.12
N GLY B 172 -5.92 23.04 50.01
CA GLY B 172 -6.84 22.68 48.95
C GLY B 172 -6.18 22.30 47.65
N ILE B 173 -4.98 21.71 47.69
CA ILE B 173 -4.20 21.37 46.51
C ILE B 173 -4.02 19.86 46.44
N LEU B 174 -4.16 19.31 45.26
CA LEU B 174 -3.99 17.89 45.04
C LEU B 174 -2.50 17.61 44.84
N LYS B 175 -1.93 16.77 45.70
CA LYS B 175 -0.51 16.42 45.65
C LYS B 175 -0.40 14.90 45.77
N PHE B 176 0.06 14.27 44.69
CA PHE B 176 0.23 12.85 44.67
C PHE B 176 1.42 12.46 45.54
N GLN B 177 1.37 11.24 46.05
CA GLN B 177 2.32 10.78 47.05
C GLN B 177 2.98 9.50 46.58
N SER B 178 4.10 9.16 47.23
CA SER B 178 4.69 7.85 47.03
C SER B 178 3.88 6.78 47.75
N GLN B 179 3.24 7.13 48.87
CA GLN B 179 2.45 6.20 49.66
C GLN B 179 1.67 6.98 50.71
N LEU B 180 0.64 6.35 51.27
CA LEU B 180 -0.24 7.04 52.22
C LEU B 180 0.43 7.16 53.59
N ASP B 190 5.56 8.78 62.79
CA ASP B 190 6.97 9.13 63.01
C ASP B 190 7.38 10.31 62.14
N ARG B 191 8.06 11.28 62.78
CA ARG B 191 8.36 12.53 62.09
C ARG B 191 9.32 12.29 60.92
N LEU B 192 10.24 11.33 61.05
CA LEU B 192 11.23 11.12 60.00
C LEU B 192 10.63 10.37 58.82
N LYS B 193 9.66 9.48 59.05
CA LYS B 193 8.94 8.86 57.95
C LYS B 193 8.07 9.87 57.20
N ARG B 194 7.37 10.74 57.92
CA ARG B 194 6.65 11.82 57.26
C ARG B 194 7.60 12.66 56.41
N LYS B 195 8.77 13.02 56.95
CA LYS B 195 9.64 13.93 56.22
C LYS B 195 10.14 13.31 54.92
N GLN B 196 10.56 12.05 54.95
CA GLN B 196 11.05 11.46 53.71
C GLN B 196 9.93 11.29 52.69
N ILE B 197 8.73 10.88 53.14
CA ILE B 197 7.58 10.81 52.25
C ILE B 197 7.28 12.20 51.68
N SER B 198 7.28 13.21 52.56
CA SER B 198 7.12 14.58 52.13
C SER B 198 8.19 14.96 51.09
N GLN B 199 9.44 14.58 51.33
CA GLN B 199 10.48 14.85 50.35
C GLN B 199 10.19 14.16 49.02
N ASP B 200 9.43 13.07 49.02
CA ASP B 200 9.09 12.36 47.78
C ASP B 200 8.11 13.11 46.89
N GLU B 201 7.44 14.15 47.38
CA GLU B 201 6.35 14.77 46.62
C GLU B 201 6.83 15.25 45.25
N TYR B 202 8.07 15.73 45.18
CA TYR B 202 8.60 16.27 43.93
C TYR B 202 8.52 15.25 42.79
N LYS B 203 8.71 13.97 43.10
CA LYS B 203 8.77 12.94 42.08
C LYS B 203 7.46 12.74 41.36
N TYR B 204 6.33 13.10 41.97
CA TYR B 204 5.01 12.80 41.45
C TYR B 204 4.26 14.04 41.03
N GLU B 205 4.97 15.17 40.89
CA GLU B 205 4.38 16.39 40.37
C GLU B 205 3.87 16.21 38.94
N TYR B 206 2.81 16.94 38.61
CA TYR B 206 2.24 16.93 37.27
C TYR B 206 2.39 18.31 36.66
N LYS B 207 2.10 18.42 35.36
CA LYS B 207 2.03 19.73 34.70
C LYS B 207 0.88 19.87 33.70
N ARG B 208 0.34 18.77 33.17
CA ARG B 208 -0.73 18.85 32.18
C ARG B 208 -1.53 17.56 32.30
N VAL B 209 -2.74 17.58 31.75
CA VAL B 209 -3.58 16.40 31.79
C VAL B 209 -4.04 16.08 30.38
N LEU B 210 -4.28 14.79 30.14
CA LEU B 210 -4.69 14.30 28.84
C LEU B 210 -5.78 13.25 29.00
N GLU B 211 -6.82 13.36 28.20
CA GLU B 211 -7.95 12.45 28.24
C GLU B 211 -7.66 11.20 27.41
N PHE B 212 -7.88 10.01 27.98
CA PHE B 212 -7.74 8.76 27.26
C PHE B 212 -9.10 8.07 27.08
N ASN B 213 -9.32 7.51 25.90
CA ASN B 213 -10.55 6.78 25.62
C ASN B 213 -10.55 5.46 26.38
N PHE B 214 -11.59 5.24 27.19
CA PHE B 214 -11.61 4.07 28.06
C PHE B 214 -11.60 2.78 27.25
N ALA B 215 -12.46 2.69 26.23
CA ALA B 215 -12.58 1.43 25.49
C ALA B 215 -11.35 1.14 24.65
N LEU B 216 -10.83 2.14 23.94
CA LEU B 216 -9.71 1.93 23.02
C LEU B 216 -8.34 2.11 23.68
N ARG B 217 -8.29 2.66 24.90
CA ARG B 217 -7.04 2.81 25.67
C ARG B 217 -5.99 3.60 24.89
N GLU B 218 -6.41 4.71 24.32
CA GLU B 218 -5.58 5.61 23.52
C GLU B 218 -6.02 7.02 23.88
N PRO B 219 -5.19 8.02 23.56
CA PRO B 219 -5.67 9.40 23.72
C PRO B 219 -7.00 9.57 23.02
N GLU B 220 -7.93 10.25 23.70
CA GLU B 220 -9.28 10.41 23.16
C GLU B 220 -9.25 11.19 21.86
N TYR B 221 -9.96 10.68 20.86
CA TYR B 221 -10.08 11.31 19.55
C TYR B 221 -10.20 12.83 19.65
N MET B 222 -9.18 13.51 19.12
CA MET B 222 -9.05 14.95 19.02
C MET B 222 -8.81 15.65 20.35
N ALA B 223 -8.71 14.93 21.47
CA ALA B 223 -8.34 15.62 22.71
C ALA B 223 -6.92 16.14 22.62
N GLN B 224 -6.68 17.24 23.33
CA GLN B 224 -5.37 17.87 23.40
C GLN B 224 -4.90 17.98 24.85
N ASP B 225 -3.59 18.14 25.01
CA ASP B 225 -3.01 18.45 26.32
C ASP B 225 -3.65 19.69 26.90
N ILE B 226 -4.04 19.60 28.17
CA ILE B 226 -4.53 20.77 28.90
C ILE B 226 -3.49 21.14 29.96
N PHE B 227 -2.89 22.32 29.83
CA PHE B 227 -1.89 22.72 30.80
C PHE B 227 -2.57 23.05 32.12
N THR B 228 -1.95 22.61 33.23
CA THR B 228 -2.51 22.87 34.54
C THR B 228 -1.50 23.53 35.46
N GLY B 229 -0.22 23.25 35.25
CA GLY B 229 0.77 23.53 36.26
C GLY B 229 0.78 22.40 37.27
N ASN B 230 1.62 22.54 38.30
CA ASN B 230 1.80 21.44 39.23
C ASN B 230 0.86 21.51 40.43
N ALA B 231 -0.08 22.44 40.46
CA ALA B 231 -0.95 22.62 41.63
C ALA B 231 -2.38 22.88 41.17
N LEU B 232 -3.25 21.89 41.35
CA LEU B 232 -4.67 22.03 41.04
C LEU B 232 -5.47 22.19 42.33
N ARG B 233 -6.37 23.17 42.37
CA ARG B 233 -7.33 23.22 43.48
C ARG B 233 -8.20 21.97 43.42
N ALA B 234 -8.56 21.45 44.60
CA ALA B 234 -9.30 20.18 44.63
C ALA B 234 -10.03 20.04 45.95
N GLU B 235 -11.03 19.15 45.95
CA GLU B 235 -11.78 18.85 47.16
C GLU B 235 -12.38 17.45 47.05
N LYS B 236 -12.49 16.77 48.19
CA LYS B 236 -13.18 15.49 48.27
C LYS B 236 -14.64 15.75 48.62
N LEU B 237 -15.54 15.33 47.75
CA LEU B 237 -16.97 15.61 47.92
C LEU B 237 -17.59 14.65 48.95
N ASN B 238 -18.14 15.23 50.02
CA ASN B 238 -18.80 14.48 51.10
C ASN B 238 -17.84 13.56 51.86
N GLY B 239 -16.53 13.80 51.72
CA GLY B 239 -15.50 12.85 52.11
C GLY B 239 -15.88 11.43 51.68
N GLY B 240 -15.70 11.13 50.39
CA GLY B 240 -16.00 9.81 49.84
C GLY B 240 -15.03 9.55 48.69
N ASP B 241 -15.37 8.58 47.84
CA ASP B 241 -14.42 8.09 46.83
C ASP B 241 -14.00 9.17 45.84
N VAL B 242 -14.83 10.20 45.63
CA VAL B 242 -14.70 11.09 44.49
C VAL B 242 -13.92 12.34 44.87
N VAL B 243 -13.03 12.75 43.96
CA VAL B 243 -12.22 13.94 44.10
C VAL B 243 -12.60 14.90 42.99
N ARG B 244 -12.90 16.14 43.35
CA ARG B 244 -13.16 17.16 42.35
C ARG B 244 -11.91 18.03 42.21
N ILE B 245 -11.47 18.22 40.96
CA ILE B 245 -10.37 19.12 40.60
C ILE B 245 -10.94 20.25 39.75
N PHE B 246 -10.38 21.45 39.92
CA PHE B 246 -10.88 22.68 39.29
C PHE B 246 -9.84 23.34 38.41
N HIS B 247 -10.23 23.65 37.16
CA HIS B 247 -9.41 24.44 36.26
C HIS B 247 -10.29 24.93 35.12
N PRO B 248 -10.19 26.19 34.71
CA PRO B 248 -11.09 26.69 33.65
C PRO B 248 -10.98 25.93 32.34
N ASN B 249 -9.87 25.25 32.05
CA ASN B 249 -9.70 24.60 30.77
C ASN B 249 -9.95 23.11 30.82
N LEU B 250 -10.42 22.59 31.95
CA LEU B 250 -10.78 21.18 32.06
C LEU B 250 -12.00 20.87 31.21
N LYS B 251 -11.90 19.78 30.43
CA LYS B 251 -12.92 19.36 29.48
C LYS B 251 -12.64 17.90 29.17
N ALA B 252 -13.63 17.05 29.36
CA ALA B 252 -13.42 15.61 29.17
C ALA B 252 -14.77 14.93 29.12
N LYS B 253 -14.76 13.69 28.64
CA LYS B 253 -15.96 12.86 28.60
C LYS B 253 -16.04 12.02 29.86
N VAL B 254 -17.24 11.95 30.43
CA VAL B 254 -17.47 11.05 31.56
C VAL B 254 -17.21 9.61 31.14
N GLY B 255 -16.57 8.86 32.02
CA GLY B 255 -16.22 7.49 31.75
C GLY B 255 -14.85 7.29 31.14
N ASN B 256 -14.25 8.34 30.60
CA ASN B 256 -12.88 8.27 30.14
C ASN B 256 -11.91 8.30 31.31
N ILE B 257 -10.62 8.12 31.00
CA ILE B 257 -9.56 8.10 31.99
C ILE B 257 -8.73 9.36 31.82
N LEU B 258 -8.52 10.09 32.91
CA LEU B 258 -7.66 11.27 32.92
C LEU B 258 -6.26 10.89 33.40
N VAL B 259 -5.26 11.24 32.60
CA VAL B 259 -3.86 11.02 32.94
C VAL B 259 -3.23 12.34 33.38
N PHE B 260 -2.58 12.34 34.54
CA PHE B 260 -1.79 13.46 35.00
C PHE B 260 -0.37 13.24 34.51
N GLN B 261 0.09 14.09 33.59
CA GLN B 261 1.42 13.93 33.03
C GLN B 261 2.48 14.29 34.08
N ALA B 262 3.37 13.34 34.36
CA ALA B 262 4.50 13.58 35.24
C ALA B 262 5.28 14.79 34.76
N LYS B 263 5.53 15.73 35.67
CA LYS B 263 6.27 16.93 35.29
C LYS B 263 7.74 16.63 34.96
N HIS B 264 8.38 15.72 35.68
CA HIS B 264 9.83 15.57 35.58
C HIS B 264 10.23 14.34 34.78
N ARG B 265 11.43 14.41 34.22
CA ARG B 265 12.02 13.29 33.50
C ARG B 265 13.33 12.91 34.17
N ASP B 266 13.23 12.45 35.42
CA ASP B 266 14.40 12.21 36.24
C ASP B 266 14.87 10.77 36.24
N TYR B 267 14.05 9.83 35.79
CA TYR B 267 14.31 8.40 35.97
C TYR B 267 14.00 7.63 34.70
N PRO B 268 14.75 7.84 33.63
CA PRO B 268 14.56 7.03 32.43
C PRO B 268 14.95 5.60 32.71
N GLY B 269 14.43 4.69 31.87
CA GLY B 269 14.57 3.27 32.13
C GLY B 269 15.98 2.78 31.88
N VAL B 270 16.46 2.94 30.65
CA VAL B 270 17.79 2.50 30.24
C VAL B 270 18.48 3.69 29.60
N VAL B 271 19.61 4.08 30.16
CA VAL B 271 20.45 5.14 29.60
C VAL B 271 21.67 4.50 28.96
N ILE B 272 21.95 4.89 27.72
CA ILE B 272 23.10 4.44 26.96
C ILE B 272 23.90 5.68 26.58
N SER B 273 25.10 5.81 27.12
CA SER B 273 25.84 7.06 27.04
C SER B 273 27.28 6.75 26.68
N ASP B 274 27.79 7.37 25.61
CA ASP B 274 29.19 7.22 25.19
C ASP B 274 29.59 5.75 25.16
N SER B 275 28.71 4.90 24.63
CA SER B 275 28.88 3.47 24.68
C SER B 275 28.77 2.89 23.28
N ASN B 276 29.12 1.62 23.11
CA ASN B 276 29.01 1.01 21.79
C ASN B 276 28.55 -0.44 21.88
N ASN B 277 27.89 -0.87 20.81
CA ASN B 277 27.47 -2.27 20.64
C ASN B 277 26.62 -2.72 21.83
N VAL B 278 25.45 -2.10 21.97
CA VAL B 278 24.48 -2.44 23.00
C VAL B 278 23.28 -3.09 22.34
N GLU B 279 22.79 -4.18 22.91
CA GLU B 279 21.59 -4.83 22.42
C GLU B 279 20.61 -5.09 23.56
N LEU B 280 19.34 -4.82 23.31
CA LEU B 280 18.25 -5.17 24.21
C LEU B 280 17.41 -6.24 23.54
N HIS B 281 17.21 -7.36 24.22
CA HIS B 281 16.49 -8.49 23.65
C HIS B 281 15.42 -8.89 24.64
N ASN B 282 14.16 -8.84 24.22
CA ASN B 282 13.05 -9.27 25.08
C ASN B 282 13.10 -8.53 26.43
N ILE B 283 13.29 -7.21 26.38
CA ILE B 283 13.18 -6.37 27.56
C ILE B 283 11.80 -5.75 27.52
N THR B 284 11.08 -5.81 28.62
CA THR B 284 9.79 -5.13 28.73
C THR B 284 9.92 -3.98 29.72
N ILE B 285 9.68 -2.77 29.23
CA ILE B 285 9.67 -1.57 30.07
C ILE B 285 8.23 -1.16 30.30
N HIS B 286 7.72 -1.43 31.50
CA HIS B 286 6.37 -1.03 31.85
C HIS B 286 6.29 0.46 32.20
N HIS B 287 7.38 1.06 32.68
CA HIS B 287 7.27 2.44 33.15
C HIS B 287 8.66 3.06 33.32
N ALA B 288 8.72 4.39 33.19
CA ALA B 288 9.91 5.17 33.52
C ALA B 288 9.47 6.60 33.80
N GLY B 289 10.29 7.30 34.59
CA GLY B 289 10.17 8.74 34.81
C GLY B 289 10.92 9.48 33.73
N GLY B 290 10.29 9.55 32.56
CA GLY B 290 10.93 10.00 31.36
C GLY B 290 10.92 8.90 30.33
N MET B 291 12.00 8.78 29.58
CA MET B 291 12.02 7.92 28.41
C MET B 291 12.33 6.47 28.76
N GLY B 292 11.92 5.56 27.88
CA GLY B 292 12.20 4.16 28.11
C GLY B 292 13.66 3.82 27.87
N VAL B 293 14.16 4.15 26.69
CA VAL B 293 15.58 4.02 26.35
C VAL B 293 16.03 5.34 25.76
N ILE B 294 17.07 5.92 26.34
CA ILE B 294 17.66 7.15 25.82
C ILE B 294 19.12 6.86 25.57
N ALA B 295 19.57 7.15 24.35
CA ALA B 295 20.96 6.94 23.95
C ALA B 295 21.55 8.27 23.49
N GLN B 296 22.77 8.55 23.94
CA GLN B 296 23.49 9.75 23.53
C GLN B 296 24.90 9.35 23.14
N ARG B 297 25.36 9.86 21.99
CA ARG B 297 26.75 9.75 21.57
C ARG B 297 27.22 8.31 21.65
N SER B 298 26.37 7.38 21.24
CA SER B 298 26.71 5.97 21.26
C SER B 298 26.61 5.40 19.86
N HIS B 299 27.10 4.17 19.72
CA HIS B 299 27.49 3.61 18.43
C HIS B 299 27.11 2.14 18.37
N ASN B 300 26.22 1.78 17.45
CA ASN B 300 25.64 0.44 17.31
C ASN B 300 24.71 0.10 18.47
N ILE B 301 23.42 0.32 18.29
CA ILE B 301 22.42 -0.05 19.29
C ILE B 301 21.30 -0.82 18.60
N THR B 302 20.91 -1.95 19.19
CA THR B 302 19.82 -2.77 18.70
C THR B 302 18.79 -2.96 19.81
N ILE B 303 17.52 -2.83 19.44
CA ILE B 303 16.42 -3.15 20.35
C ILE B 303 15.48 -4.08 19.60
N LYS B 304 15.33 -5.30 20.10
CA LYS B 304 14.66 -6.37 19.38
C LYS B 304 13.74 -7.14 20.32
N ASP B 305 12.55 -7.51 19.83
CA ASP B 305 11.60 -8.38 20.55
C ASP B 305 11.31 -7.86 21.94
N SER B 306 11.27 -6.55 22.10
CA SER B 306 11.01 -5.93 23.38
C SER B 306 9.69 -5.20 23.33
N LYS B 307 9.26 -4.70 24.48
CA LYS B 307 7.99 -4.01 24.49
C LYS B 307 8.02 -2.94 25.57
N VAL B 308 7.44 -1.79 25.23
CA VAL B 308 7.06 -0.76 26.16
C VAL B 308 5.55 -0.77 26.21
N SER B 309 4.98 -1.10 27.37
CA SER B 309 3.56 -1.43 27.54
C SER B 309 3.19 -1.30 29.00
N PRO B 310 2.00 -0.79 29.33
CA PRO B 310 1.67 -0.56 30.75
C PRO B 310 1.57 -1.84 31.54
N SER B 311 1.81 -1.74 32.83
CA SER B 311 1.55 -2.84 33.75
C SER B 311 0.11 -2.75 34.28
N LYS B 312 -0.27 -3.78 35.06
CA LYS B 312 -1.66 -4.01 35.48
C LYS B 312 -2.29 -2.79 36.12
N GLY B 313 -3.50 -2.49 35.70
CA GLY B 313 -4.22 -1.37 36.26
C GLY B 313 -3.84 -0.02 35.70
N ARG B 314 -2.97 0.03 34.69
CA ARG B 314 -2.50 1.28 34.14
C ARG B 314 -2.84 1.36 32.65
N ILE B 315 -3.13 2.57 32.19
CA ILE B 315 -3.37 2.83 30.79
C ILE B 315 -2.17 3.42 30.08
N VAL B 316 -1.15 3.86 30.84
CA VAL B 316 0.02 4.56 30.33
C VAL B 316 1.28 3.76 30.67
N SER B 317 2.24 3.71 29.74
CA SER B 317 3.53 3.07 30.02
C SER B 317 4.57 4.07 30.54
N THR B 318 5.58 4.42 29.73
CA THR B 318 6.57 5.39 30.20
C THR B 318 6.02 6.81 30.09
N THR B 319 6.55 7.71 30.92
CA THR B 319 6.01 9.06 30.90
C THR B 319 6.58 9.94 29.80
N ALA B 320 7.55 9.46 29.02
CA ALA B 320 7.99 10.19 27.83
C ALA B 320 8.37 9.17 26.75
N ASP B 321 9.19 9.60 25.78
CA ASP B 321 9.47 8.82 24.58
C ASP B 321 9.84 7.38 24.92
N ALA B 322 9.31 6.44 24.13
CA ALA B 322 9.66 5.04 24.32
C ALA B 322 11.15 4.82 24.09
N THR B 323 11.65 5.30 22.95
CA THR B 323 13.08 5.27 22.63
C THR B 323 13.44 6.61 22.04
N HIS B 324 14.75 6.87 21.93
CA HIS B 324 15.27 8.19 21.63
C HIS B 324 16.79 8.11 21.50
N PHE B 325 17.35 8.73 20.46
CA PHE B 325 18.76 8.57 20.13
C PHE B 325 19.31 9.93 19.77
N VAL B 326 20.37 10.37 20.44
CA VAL B 326 20.94 11.70 20.18
C VAL B 326 22.41 11.53 19.79
N ASN B 327 22.77 12.00 18.59
CA ASN B 327 24.15 11.95 18.10
C ASN B 327 24.71 10.53 18.11
N CYS B 328 23.91 9.57 17.71
CA CYS B 328 24.39 8.19 17.65
C CYS B 328 24.83 7.86 16.24
N THR B 329 25.60 6.78 16.13
CA THR B 329 26.28 6.46 14.88
C THR B 329 26.22 4.94 14.69
N GLY B 330 26.73 4.48 13.55
CA GLY B 330 26.64 3.06 13.24
C GLY B 330 25.22 2.65 12.90
N LYS B 331 24.85 1.43 13.27
CA LYS B 331 23.51 0.94 13.00
C LYS B 331 22.66 1.08 14.25
N ILE B 332 21.49 1.69 14.11
CA ILE B 332 20.45 1.69 15.13
C ILE B 332 19.33 0.79 14.63
N LYS B 333 19.14 -0.36 15.26
CA LYS B 333 18.15 -1.34 14.83
C LYS B 333 17.02 -1.41 15.86
N LEU B 334 15.79 -1.16 15.41
CA LEU B 334 14.57 -1.42 16.17
C LEU B 334 13.80 -2.46 15.39
N ILE B 335 13.80 -3.70 15.89
CA ILE B 335 13.29 -4.87 15.18
C ILE B 335 12.21 -5.52 16.03
N ASP B 336 11.00 -5.64 15.49
CA ASP B 336 9.96 -6.52 16.06
C ASP B 336 9.60 -6.15 17.50
N ASN B 337 9.44 -4.86 17.76
CA ASN B 337 9.09 -4.40 19.10
C ASN B 337 7.64 -3.98 19.16
N LEU B 338 7.13 -3.85 20.37
CA LEU B 338 5.85 -3.22 20.59
C LEU B 338 6.10 -1.96 21.43
N PHE B 339 5.76 -0.80 20.89
CA PHE B 339 5.83 0.47 21.63
C PHE B 339 4.41 1.01 21.75
N GLU B 340 3.83 0.95 22.93
CA GLU B 340 2.47 1.42 23.08
C GLU B 340 2.29 2.17 24.39
N SER B 341 1.41 3.17 24.33
CA SER B 341 0.77 3.76 25.49
C SER B 341 1.69 4.71 26.25
N GLN B 342 2.85 5.06 25.70
CA GLN B 342 3.72 6.02 26.36
C GLN B 342 3.23 7.45 26.09
N LYS B 343 3.66 8.38 26.93
CA LYS B 343 3.16 9.74 26.83
C LYS B 343 3.88 10.54 25.77
N ASN B 344 4.56 9.92 24.83
CA ASN B 344 5.27 10.70 23.83
C ASN B 344 5.60 9.82 22.63
N ASP B 345 6.50 10.31 21.77
CA ASP B 345 6.80 9.65 20.51
C ASP B 345 7.37 8.26 20.76
N ALA B 346 7.24 7.39 19.76
CA ALA B 346 7.86 6.08 19.91
C ALA B 346 9.36 6.14 19.70
N THR B 347 9.82 6.94 18.73
CA THR B 347 11.25 7.15 18.60
C THR B 347 11.54 8.50 17.97
N ASN B 348 12.79 8.93 18.17
CA ASN B 348 13.33 10.17 17.64
C ASN B 348 14.82 9.91 17.49
N ILE B 349 15.35 9.98 16.28
CA ILE B 349 16.77 9.81 16.02
C ILE B 349 17.30 11.10 15.41
N HIS B 350 18.12 11.84 16.15
CA HIS B 350 18.45 13.19 15.73
C HIS B 350 19.83 13.59 16.26
N GLY B 351 20.28 14.77 15.83
CA GLY B 351 21.49 15.38 16.33
C GLY B 351 21.19 16.60 17.19
N VAL B 352 22.27 17.23 17.65
CA VAL B 352 22.20 18.42 18.49
C VAL B 352 22.64 19.63 17.66
N TYR B 353 21.80 20.65 17.60
CA TYR B 353 22.26 22.00 17.23
C TYR B 353 22.64 22.75 18.50
N ALA B 354 23.70 23.55 18.44
CA ALA B 354 23.99 24.49 19.51
C ALA B 354 24.13 25.91 18.95
N ALA B 355 23.55 26.88 19.64
CA ALA B 355 23.56 28.24 19.12
C ALA B 355 24.94 28.87 19.28
N ILE B 356 25.29 29.72 18.32
CA ILE B 356 26.49 30.54 18.42
C ILE B 356 26.11 31.70 19.34
N ASP B 357 26.72 31.73 20.52
CA ASP B 357 26.38 32.69 21.55
C ASP B 357 27.19 33.97 21.44
N LYS B 358 28.50 33.88 21.33
CA LYS B 358 29.36 35.04 21.18
C LYS B 358 30.32 34.80 20.03
N ILE B 359 30.41 35.75 19.11
CA ILE B 359 31.45 35.73 18.10
C ILE B 359 32.62 36.51 18.67
N ILE B 360 33.73 35.82 18.93
CA ILE B 360 34.89 36.45 19.54
C ILE B 360 35.80 37.09 18.50
N ASP B 361 36.16 36.37 17.44
CA ASP B 361 36.93 36.94 16.35
C ASP B 361 36.61 36.14 15.08
N ASP B 362 37.42 36.35 14.04
CA ASP B 362 37.18 35.72 12.75
C ASP B 362 37.28 34.20 12.80
N LYS B 363 37.95 33.64 13.81
CA LYS B 363 38.15 32.19 13.90
C LYS B 363 37.56 31.53 15.14
N THR B 364 36.93 32.28 16.05
CA THR B 364 36.62 31.71 17.35
C THR B 364 35.25 32.15 17.82
N VAL B 365 34.48 31.20 18.37
CA VAL B 365 33.12 31.44 18.85
C VAL B 365 32.91 30.71 20.16
N GLU B 366 31.87 31.11 20.87
CA GLU B 366 31.36 30.40 22.03
C GLU B 366 29.97 29.88 21.68
N ILE B 367 29.77 28.58 21.82
CA ILE B 367 28.49 27.97 21.54
C ILE B 367 27.84 27.68 22.87
N LYS B 368 26.50 27.72 22.86
CA LYS B 368 25.72 27.57 24.08
C LYS B 368 24.54 26.66 23.82
N LEU B 369 24.43 25.61 24.64
CA LEU B 369 23.29 24.71 24.61
C LEU B 369 22.03 25.47 25.04
N GLN B 370 20.94 25.26 24.31
CA GLN B 370 19.78 26.14 24.43
C GLN B 370 18.68 25.57 25.29
N HIS B 371 18.25 24.36 24.99
CA HIS B 371 17.15 23.79 25.73
C HIS B 371 17.65 23.20 27.05
N PRO B 372 16.93 23.43 28.15
CA PRO B 372 17.42 23.00 29.47
C PRO B 372 17.73 21.50 29.55
N GLN B 373 17.05 20.67 28.77
CA GLN B 373 17.31 19.24 28.82
C GLN B 373 18.45 18.83 27.90
N GLN B 374 19.15 19.79 27.29
CA GLN B 374 20.39 19.51 26.59
C GLN B 374 21.63 19.91 27.37
N PHE B 375 21.48 20.65 28.47
CA PHE B 375 22.65 21.12 29.21
C PHE B 375 23.53 19.94 29.59
N GLY B 376 24.84 20.16 29.56
CA GLY B 376 25.80 19.12 29.87
C GLY B 376 26.10 18.18 28.72
N PHE B 377 25.58 18.48 27.52
CA PHE B 377 25.82 17.67 26.32
C PHE B 377 27.11 18.13 25.66
N ASP B 378 28.23 17.53 26.03
CA ASP B 378 29.51 17.88 25.43
C ASP B 378 29.70 17.05 24.18
N PHE B 379 30.01 17.70 23.05
CA PHE B 379 30.14 16.94 21.81
C PHE B 379 31.14 17.51 20.81
N ILE B 380 31.59 18.73 21.01
CA ILE B 380 32.54 19.34 20.09
C ILE B 380 33.95 19.08 20.58
N ALA B 381 34.72 18.34 19.79
CA ALA B 381 36.08 17.91 20.08
C ALA B 381 37.06 18.43 19.03
N PRO B 382 38.34 18.54 19.37
CA PRO B 382 39.35 18.89 18.36
C PRO B 382 39.33 17.95 17.16
N GLU B 383 39.47 18.52 15.96
CA GLU B 383 39.40 17.86 14.66
C GLU B 383 38.00 17.43 14.24
N ASP B 384 36.97 17.77 15.02
CA ASP B 384 35.62 17.58 14.53
C ASP B 384 35.32 18.57 13.41
N GLU B 385 34.52 18.13 12.45
CA GLU B 385 33.96 18.96 11.41
C GLU B 385 32.58 19.42 11.85
N LEU B 386 32.30 20.72 11.75
CA LEU B 386 31.02 21.29 12.16
C LEU B 386 30.30 21.92 10.98
N GLU B 387 28.99 21.69 10.89
CA GLU B 387 28.12 22.47 10.03
C GLU B 387 27.84 23.82 10.66
N LEU B 388 27.93 24.89 9.88
CA LEU B 388 27.52 26.21 10.32
C LEU B 388 26.22 26.58 9.60
N VAL B 389 25.15 26.78 10.37
CA VAL B 389 23.79 26.75 9.86
C VAL B 389 23.07 28.05 10.20
N HIS B 390 22.38 28.61 9.21
CA HIS B 390 21.55 29.79 9.44
C HIS B 390 20.28 29.39 10.19
N GLY B 391 20.01 30.06 11.30
CA GLY B 391 19.04 29.56 12.25
C GLY B 391 17.63 29.48 11.70
N ALA B 392 17.19 30.53 11.01
CA ALA B 392 15.80 30.59 10.60
C ALA B 392 15.50 29.80 9.33
N SER B 393 16.50 29.52 8.51
CA SER B 393 16.29 28.79 7.27
C SER B 393 16.73 27.34 7.35
N LEU B 394 17.60 27.00 8.30
CA LEU B 394 18.24 25.69 8.40
C LEU B 394 19.10 25.38 7.18
N ILE B 395 19.55 26.42 6.48
CA ILE B 395 20.47 26.29 5.36
C ILE B 395 21.89 26.30 5.89
N THR B 396 22.73 25.39 5.39
CA THR B 396 24.13 25.31 5.79
C THR B 396 24.97 26.28 4.98
N TYR B 397 25.67 27.17 5.67
CA TYR B 397 26.63 28.06 5.04
C TYR B 397 27.87 27.31 4.55
N GLU B 398 28.44 26.46 5.41
CA GLU B 398 29.72 25.80 5.14
C GLU B 398 29.99 24.76 6.21
N THR B 399 31.01 23.97 5.99
CA THR B 399 31.63 23.19 7.06
C THR B 399 32.99 23.79 7.40
N ASN B 400 33.40 23.58 8.63
CA ASN B 400 34.68 24.08 9.12
C ASN B 400 35.20 23.05 10.12
N LYS B 401 36.51 22.91 10.22
CA LYS B 401 37.14 21.96 11.14
C LYS B 401 37.55 22.67 12.43
N VAL B 402 37.37 21.98 13.55
CA VAL B 402 37.70 22.56 14.84
C VAL B 402 39.13 22.21 15.20
N VAL B 403 39.85 23.22 15.64
CA VAL B 403 41.23 23.07 16.03
C VAL B 403 41.34 22.85 17.55
N THR B 404 40.53 23.56 18.31
CA THR B 404 40.55 23.45 19.75
C THR B 404 39.17 23.77 20.29
N SER B 405 38.85 23.21 21.45
CA SER B 405 37.55 23.47 22.09
C SER B 405 37.76 23.40 23.59
N THR B 406 37.08 24.27 24.32
CA THR B 406 37.16 24.31 25.77
C THR B 406 35.77 24.38 26.37
N ARG B 407 35.44 23.40 27.22
CA ARG B 407 34.17 23.40 27.95
C ARG B 407 34.26 24.44 29.06
N VAL B 408 33.44 25.48 28.95
CA VAL B 408 33.42 26.52 29.97
C VAL B 408 32.45 26.19 31.11
N SER B 409 31.32 25.53 30.80
CA SER B 409 30.24 25.28 31.77
C SER B 409 29.35 24.16 31.22
N ASN B 410 28.23 23.89 31.89
CA ASN B 410 27.32 22.91 31.31
C ASN B 410 26.43 23.51 30.23
N GLU B 411 26.67 24.77 29.89
CA GLU B 411 25.98 25.43 28.78
C GLU B 411 26.92 25.79 27.65
N VAL B 412 28.04 26.43 27.97
CA VAL B 412 28.85 27.13 26.99
C VAL B 412 30.14 26.37 26.75
N THR B 413 30.52 26.29 25.49
CA THR B 413 31.80 25.75 25.06
C THR B 413 32.40 26.73 24.08
N ARG B 414 33.69 27.00 24.22
CA ARG B 414 34.42 27.84 23.27
C ARG B 414 35.06 26.95 22.22
N VAL B 415 35.05 27.41 20.97
CA VAL B 415 35.48 26.65 19.81
C VAL B 415 36.33 27.54 18.89
N GLN B 416 37.50 27.04 18.50
CA GLN B 416 38.35 27.70 17.52
C GLN B 416 38.39 26.88 16.24
N PHE B 417 38.14 27.53 15.11
CA PHE B 417 38.17 26.86 13.82
C PHE B 417 39.54 27.04 13.17
N ILE B 418 39.83 26.16 12.21
CA ILE B 418 41.14 26.23 11.57
C ILE B 418 41.20 27.33 10.52
N LYS B 419 40.07 27.81 10.01
CA LYS B 419 40.02 28.88 9.04
C LYS B 419 38.87 29.83 9.39
N PRO B 420 38.95 31.08 8.97
CA PRO B 420 37.87 32.02 9.30
C PRO B 420 36.54 31.53 8.77
N PHE B 421 35.52 31.61 9.62
CA PHE B 421 34.25 31.07 9.20
C PHE B 421 33.52 32.07 8.31
N ASP B 422 32.52 31.56 7.57
CA ASP B 422 31.76 32.37 6.62
C ASP B 422 31.33 33.70 7.23
N SER B 423 31.62 34.79 6.52
CA SER B 423 31.34 36.14 7.01
C SER B 423 29.86 36.39 7.29
N ARG B 424 28.97 35.58 6.74
CA ARG B 424 27.55 35.82 6.96
C ARG B 424 27.05 35.30 8.31
N ILE B 425 27.85 34.51 9.02
CA ILE B 425 27.39 33.94 10.29
C ILE B 425 27.22 35.04 11.32
N LYS B 426 26.08 35.04 12.00
CA LYS B 426 25.79 35.98 13.08
C LYS B 426 25.56 35.21 14.38
N GLU B 427 25.64 35.94 15.49
CA GLU B 427 25.15 35.40 16.75
C GLU B 427 23.69 35.01 16.58
N GLY B 428 23.32 33.88 17.15
CA GLY B 428 21.99 33.34 16.99
C GLY B 428 21.88 32.24 15.95
N ASP B 429 22.86 32.10 15.05
CA ASP B 429 22.94 30.93 14.18
C ASP B 429 23.41 29.74 15.01
N SER B 430 23.60 28.57 14.37
CA SER B 430 23.93 27.37 15.13
C SER B 430 24.96 26.51 14.43
N VAL B 431 25.59 25.63 15.21
CA VAL B 431 26.51 24.65 14.67
C VAL B 431 25.94 23.26 14.97
N SER B 432 26.35 22.31 14.15
CA SER B 432 26.02 20.92 14.34
C SER B 432 27.24 20.13 13.92
N LYS B 433 27.48 19.01 14.60
CA LYS B 433 28.62 18.17 14.28
C LYS B 433 28.30 17.30 13.06
N VAL B 434 29.21 17.28 12.10
CA VAL B 434 29.10 16.41 10.93
C VAL B 434 29.51 15.01 11.36
N ARG B 435 28.56 14.10 11.46
CA ARG B 435 28.85 12.75 11.93
C ARG B 435 28.76 11.74 10.79
N SER B 436 29.25 10.54 11.07
CA SER B 436 28.88 9.35 10.32
C SER B 436 27.46 8.99 10.79
N TYR B 437 26.48 9.71 10.26
CA TYR B 437 25.12 9.65 10.79
C TYR B 437 24.62 8.21 10.80
N ALA B 438 23.83 7.91 11.82
CA ALA B 438 23.41 6.54 12.09
C ALA B 438 22.61 5.96 10.93
N GLU B 439 22.95 4.73 10.57
CA GLU B 439 22.15 3.93 9.66
C GLU B 439 20.98 3.34 10.45
N VAL B 440 19.76 3.68 10.07
CA VAL B 440 18.58 3.43 10.88
C VAL B 440 17.75 2.34 10.23
N ILE B 441 17.50 1.26 10.96
CA ILE B 441 16.71 0.13 10.49
C ILE B 441 15.58 -0.09 11.48
N ILE B 442 14.35 0.22 11.07
CA ILE B 442 13.18 0.10 11.91
C ILE B 442 12.19 -0.83 11.21
N LYS B 443 12.13 -2.09 11.65
CA LYS B 443 11.39 -3.16 10.97
C LYS B 443 10.50 -3.91 11.96
N GLY B 444 9.26 -4.17 11.55
CA GLY B 444 8.43 -5.12 12.26
C GLY B 444 7.85 -4.64 13.57
N ASN B 445 7.79 -3.34 13.80
CA ASN B 445 7.31 -2.80 15.06
C ASN B 445 5.83 -2.46 15.00
N ILE B 446 5.20 -2.47 16.16
CA ILE B 446 3.83 -2.04 16.34
C ILE B 446 3.87 -0.77 17.18
N ILE B 447 3.27 0.30 16.67
CA ILE B 447 3.32 1.61 17.31
C ILE B 447 1.90 2.12 17.46
N ARG B 448 1.44 2.27 18.70
CA ARG B 448 0.04 2.56 18.91
C ARG B 448 -0.22 3.10 20.30
N LYS B 449 -1.34 3.83 20.42
CA LYS B 449 -1.97 4.22 21.68
C LYS B 449 -1.18 5.22 22.51
N ASN B 450 -0.12 5.80 21.96
CA ASN B 450 0.72 6.74 22.71
C ASN B 450 0.25 8.15 22.46
N ARG B 451 0.63 9.05 23.37
CA ARG B 451 0.49 10.47 23.07
C ARG B 451 1.50 10.88 22.00
N ALA B 452 1.05 11.70 21.04
CA ALA B 452 1.88 12.40 20.06
C ALA B 452 2.24 11.56 18.85
N ARG B 453 3.45 11.72 18.33
CA ARG B 453 3.85 11.20 17.03
C ARG B 453 4.37 9.77 17.15
N GLY B 454 4.48 9.09 16.00
CA GLY B 454 5.09 7.79 15.94
C GLY B 454 6.61 7.84 15.92
N MET B 455 7.20 8.18 14.77
CA MET B 455 8.64 8.26 14.59
C MET B 455 9.02 9.66 14.12
N LEU B 456 9.99 10.27 14.80
CA LEU B 456 10.58 11.50 14.30
C LEU B 456 11.81 11.11 13.51
N LEU B 457 11.71 11.18 12.18
CA LEU B 457 12.83 10.78 11.34
C LEU B 457 13.71 12.00 11.13
N ASN B 458 14.65 12.20 12.05
CA ASN B 458 15.65 13.24 11.93
C ASN B 458 17.01 12.66 11.63
N SER B 459 17.01 11.43 11.11
CA SER B 459 18.18 10.65 10.73
C SER B 459 18.70 11.05 9.35
N ARG B 460 19.87 11.70 9.29
CA ARG B 460 20.49 12.06 8.02
C ARG B 460 21.20 10.88 7.35
N GLY B 461 21.45 9.78 8.06
CA GLY B 461 22.00 8.59 7.45
C GLY B 461 20.95 7.78 6.70
N LYS B 462 21.40 6.66 6.13
CA LYS B 462 20.52 5.77 5.39
C LYS B 462 19.45 5.21 6.33
N THR B 463 18.18 5.49 6.03
CA THR B 463 17.08 5.17 6.93
C THR B 463 16.09 4.25 6.20
N LEU B 464 15.72 3.15 6.85
CA LEU B 464 14.79 2.18 6.29
C LEU B 464 13.68 1.97 7.31
N ILE B 465 12.45 2.29 6.92
CA ILE B 465 11.26 2.08 7.75
C ILE B 465 10.38 1.06 7.01
N GLU B 466 10.35 -0.17 7.50
CA GLU B 466 9.76 -1.25 6.74
C GLU B 466 8.93 -2.16 7.63
N ASN B 467 7.68 -2.42 7.21
CA ASN B 467 6.82 -3.46 7.80
C ASN B 467 6.51 -3.15 9.27
N ASN B 468 6.13 -1.90 9.52
CA ASN B 468 5.66 -1.46 10.82
C ASN B 468 4.18 -1.16 10.75
N TYR B 469 3.49 -1.28 11.88
CA TYR B 469 2.11 -0.87 12.03
C TYR B 469 2.05 0.41 12.86
N PHE B 470 1.34 1.43 12.37
CA PHE B 470 1.19 2.69 13.06
C PHE B 470 -0.28 2.92 13.37
N HIS B 471 -0.61 3.17 14.64
CA HIS B 471 -1.91 3.76 14.97
C HIS B 471 -1.69 4.82 16.05
N THR B 472 -1.42 6.06 15.61
CA THR B 472 -1.03 7.16 16.48
C THR B 472 -1.98 8.34 16.36
N PRO B 473 -2.26 9.05 17.46
CA PRO B 473 -3.05 10.27 17.33
C PRO B 473 -2.31 11.39 16.63
N GLY B 474 -0.98 11.44 16.76
CA GLY B 474 -0.18 12.41 16.05
C GLY B 474 0.24 11.87 14.70
N SER B 475 1.05 12.67 14.01
CA SER B 475 1.72 12.22 12.80
C SER B 475 2.39 10.87 13.01
N ALA B 476 2.16 9.94 12.10
CA ALA B 476 2.82 8.63 12.23
C ALA B 476 4.32 8.77 12.01
N ILE B 477 4.72 9.51 10.98
CA ILE B 477 6.12 9.80 10.70
C ILE B 477 6.22 11.30 10.54
N LEU B 478 7.20 11.90 11.22
CA LEU B 478 7.37 13.35 11.21
C LEU B 478 8.83 13.70 10.96
N PHE B 479 9.06 14.54 9.95
CA PHE B 479 10.37 15.15 9.72
C PHE B 479 10.38 16.49 10.44
N GLU B 480 11.18 16.61 11.50
CA GLU B 480 11.14 17.84 12.28
C GLU B 480 12.51 18.51 12.32
N GLY B 481 13.02 18.80 13.51
CA GLY B 481 14.25 19.56 13.61
C GLY B 481 13.99 21.05 13.63
N ASP B 482 14.82 21.76 14.38
CA ASP B 482 14.74 23.21 14.42
C ASP B 482 16.01 23.71 15.08
N ALA B 483 16.32 24.96 14.83
CA ALA B 483 17.38 25.68 15.53
C ALA B 483 16.83 26.91 16.22
N ASN B 484 15.67 26.78 16.89
CA ASN B 484 15.09 27.89 17.65
C ASN B 484 14.43 27.53 18.98
N PHE B 485 14.13 26.26 19.25
CA PHE B 485 13.62 25.92 20.58
C PHE B 485 14.18 24.59 21.07
N TRP B 486 13.91 23.52 20.33
CA TRP B 486 14.41 22.20 20.68
C TRP B 486 15.87 22.04 20.28
N PHE B 487 16.31 22.80 19.28
CA PHE B 487 17.67 22.76 18.77
C PHE B 487 18.10 21.33 18.48
N GLU B 488 17.25 20.61 17.74
CA GLU B 488 17.53 19.26 17.27
C GLU B 488 17.83 19.29 15.78
N GLN B 489 18.93 18.66 15.39
CA GLN B 489 19.37 18.62 14.00
C GLN B 489 18.73 17.41 13.34
N GLY B 490 17.99 17.65 12.26
CA GLY B 490 17.38 16.59 11.47
C GLY B 490 17.83 16.69 10.02
N GLY B 491 16.88 16.63 9.09
CA GLY B 491 17.22 16.78 7.68
C GLY B 491 17.68 15.49 7.01
N VAL B 492 16.74 14.71 6.51
CA VAL B 492 17.05 13.39 5.97
C VAL B 492 17.69 13.50 4.59
N SER B 493 18.49 12.49 4.24
CA SER B 493 19.15 12.43 2.95
C SER B 493 18.97 11.11 2.21
N ASP B 494 18.43 10.07 2.86
CA ASP B 494 18.27 8.77 2.18
C ASP B 494 17.27 7.93 2.99
N VAL B 495 15.99 8.00 2.61
CA VAL B 495 14.91 7.44 3.40
C VAL B 495 14.01 6.56 2.53
N THR B 496 13.77 5.33 2.97
CA THR B 496 12.84 4.40 2.34
C THR B 496 11.77 4.00 3.34
N ILE B 497 10.51 4.34 3.05
CA ILE B 497 9.35 4.01 3.89
C ILE B 497 8.52 3.01 3.11
N LYS B 498 8.62 1.73 3.47
CA LYS B 498 8.23 0.64 2.59
C LYS B 498 7.37 -0.38 3.32
N ASN B 499 6.21 -0.71 2.74
CA ASN B 499 5.35 -1.83 3.17
C ASN B 499 4.93 -1.71 4.63
N ASN B 500 4.59 -0.50 5.06
CA ASN B 500 4.01 -0.30 6.36
C ASN B 500 2.50 -0.18 6.24
N VAL B 501 1.83 -0.28 7.38
CA VAL B 501 0.39 -0.08 7.46
C VAL B 501 0.15 1.11 8.37
N PHE B 502 -0.51 2.14 7.86
CA PHE B 502 -0.92 3.33 8.63
C PHE B 502 -2.42 3.25 8.84
N GLU B 503 -2.85 2.87 10.04
CA GLU B 503 -4.26 2.63 10.30
C GLU B 503 -4.83 3.75 11.17
N ASN B 504 -5.69 4.57 10.57
CA ASN B 504 -6.37 5.69 11.25
C ASN B 504 -5.41 6.48 12.12
N SER B 505 -4.25 6.78 11.56
CA SER B 505 -3.25 7.58 12.26
C SER B 505 -3.52 9.06 12.04
N PHE B 506 -2.79 9.88 12.80
CA PHE B 506 -3.05 11.32 12.85
C PHE B 506 -4.51 11.57 13.15
N TYR B 507 -5.06 10.84 14.10
CA TYR B 507 -6.47 11.06 14.39
C TYR B 507 -6.70 12.22 15.38
N SER B 508 -5.64 12.80 15.95
CA SER B 508 -5.82 14.03 16.72
C SER B 508 -5.06 15.18 16.07
N GLN B 509 -4.27 15.93 16.86
CA GLN B 509 -3.71 17.19 16.37
C GLN B 509 -2.20 17.36 16.54
N TRP B 510 -1.48 16.36 17.04
CA TRP B 510 -0.02 16.49 17.21
C TRP B 510 0.66 16.18 15.88
N GLY B 511 0.64 17.16 14.99
CA GLY B 511 1.27 17.00 13.69
C GLY B 511 0.48 17.73 12.62
N LYS B 512 0.85 17.47 11.36
CA LYS B 512 0.23 18.13 10.22
C LYS B 512 -0.19 17.14 9.15
N GLY B 513 -0.42 15.89 9.53
CA GLY B 513 -0.75 14.85 8.57
C GLY B 513 -0.15 13.51 8.95
N ILE B 514 -0.48 12.45 8.21
CA ILE B 514 0.03 11.13 8.58
C ILE B 514 1.55 11.10 8.44
N ILE B 515 2.08 11.58 7.31
CA ILE B 515 3.51 11.74 7.10
C ILE B 515 3.76 13.20 6.77
N ALA B 516 4.58 13.87 7.59
CA ALA B 516 4.60 15.32 7.53
C ALA B 516 5.99 15.90 7.79
N VAL B 517 6.20 17.11 7.30
CA VAL B 517 7.35 17.94 7.64
C VAL B 517 6.89 19.09 8.52
N ASP B 518 7.57 19.28 9.66
CA ASP B 518 7.37 20.45 10.51
C ASP B 518 8.72 21.01 10.96
N ALA B 519 9.69 21.02 10.05
CA ALA B 519 10.99 21.56 10.38
C ALA B 519 10.90 23.07 10.61
N GLY B 520 11.79 23.58 11.46
CA GLY B 520 11.73 24.97 11.84
C GLY B 520 12.28 25.91 10.78
N ILE B 521 11.63 25.94 9.62
CA ILE B 521 12.03 26.80 8.52
C ILE B 521 11.01 27.93 8.42
N ASP B 522 11.49 29.17 8.60
CA ASP B 522 10.62 30.34 8.45
C ASP B 522 10.01 30.38 7.04
N ASP B 523 8.76 30.85 6.95
CA ASP B 523 8.06 30.93 5.66
C ASP B 523 8.89 31.64 4.59
N LYS B 524 9.57 32.73 4.96
CA LYS B 524 10.40 33.48 4.01
C LYS B 524 11.45 32.61 3.34
N PHE B 525 11.87 31.53 3.98
CA PHE B 525 12.99 30.73 3.49
C PHE B 525 12.60 29.36 2.96
N LYS B 526 11.31 29.00 3.02
CA LYS B 526 10.92 27.65 2.61
C LYS B 526 11.28 27.38 1.14
N GLU B 527 11.11 28.39 0.29
CA GLU B 527 11.29 28.19 -1.15
C GLU B 527 12.74 27.91 -1.54
N THR B 528 13.70 28.42 -0.77
CA THR B 528 15.12 28.20 -1.08
C THR B 528 15.78 27.15 -0.21
N SER B 529 15.20 26.82 0.95
CA SER B 529 15.75 25.79 1.82
C SER B 529 15.30 24.40 1.40
N ARG B 530 16.26 23.48 1.22
CA ARG B 530 15.96 22.08 0.95
C ARG B 530 16.60 21.26 2.07
N TYR B 531 15.80 20.91 3.05
CA TYR B 531 16.29 20.29 4.27
C TYR B 531 16.16 18.78 4.29
N ASN B 532 15.12 18.23 3.65
CA ASN B 532 14.92 16.79 3.60
C ASN B 532 14.92 16.33 2.15
N LYS B 533 15.73 15.31 1.84
CA LYS B 533 15.96 14.93 0.46
C LYS B 533 15.95 13.41 0.29
N ASN B 534 15.47 12.97 -0.87
CA ASN B 534 15.63 11.60 -1.36
C ASN B 534 14.81 10.60 -0.55
N ILE B 535 13.49 10.67 -0.70
CA ILE B 535 12.56 9.89 0.09
C ILE B 535 11.70 9.04 -0.83
N VAL B 536 11.65 7.74 -0.59
CA VAL B 536 10.80 6.82 -1.32
C VAL B 536 9.78 6.24 -0.36
N ILE B 537 8.49 6.45 -0.67
CA ILE B 537 7.36 5.93 0.11
C ILE B 537 6.59 4.99 -0.82
N LYS B 538 6.80 3.68 -0.70
CA LYS B 538 6.24 2.73 -1.63
C LYS B 538 5.68 1.51 -0.91
N GLY B 539 4.67 0.89 -1.51
CA GLY B 539 4.14 -0.38 -1.01
C GLY B 539 3.42 -0.30 0.32
N ASN B 540 3.02 0.88 0.77
CA ASN B 540 2.35 0.99 2.06
C ASN B 540 0.83 0.90 1.89
N THR B 541 0.16 0.54 2.97
CA THR B 541 -1.30 0.61 3.05
C THR B 541 -1.64 1.76 3.99
N PHE B 542 -2.42 2.71 3.49
CA PHE B 542 -2.94 3.81 4.28
C PHE B 542 -4.44 3.60 4.49
N LYS B 543 -4.84 3.33 5.72
CA LYS B 543 -6.25 3.26 6.08
C LYS B 543 -6.60 4.57 6.77
N VAL B 544 -7.37 5.42 6.09
CA VAL B 544 -7.64 6.76 6.59
C VAL B 544 -9.15 6.94 6.78
N PHE B 545 -9.52 7.74 7.77
CA PHE B 545 -10.93 7.93 8.06
C PHE B 545 -11.47 9.25 7.51
N ASP B 546 -10.61 10.15 7.07
CA ASP B 546 -11.05 11.40 6.46
C ASP B 546 -9.99 11.82 5.44
N LYS B 547 -10.04 13.08 5.01
CA LYS B 547 -9.14 13.60 3.99
C LYS B 547 -8.10 14.55 4.57
N ALA B 548 -7.62 14.25 5.79
CA ALA B 548 -6.40 14.89 6.27
C ALA B 548 -5.24 14.49 5.37
N PRO B 549 -4.17 15.29 5.33
CA PRO B 549 -3.05 14.96 4.44
C PRO B 549 -2.45 13.60 4.78
N ILE B 550 -2.27 12.78 3.75
CA ILE B 550 -1.32 11.68 3.88
C ILE B 550 0.11 12.20 3.88
N LEU B 551 0.45 13.04 2.90
CA LEU B 551 1.71 13.77 2.89
C LEU B 551 1.43 15.25 3.04
N ASN B 552 2.15 15.90 3.96
CA ASN B 552 2.11 17.35 4.13
C ASN B 552 3.56 17.79 4.19
N LEU B 553 4.04 18.37 3.09
CA LEU B 553 5.46 18.54 2.83
C LEU B 553 5.80 19.98 2.53
N PHE B 554 6.97 20.43 3.01
CA PHE B 554 7.59 21.62 2.47
C PHE B 554 9.11 21.45 2.54
N SER B 555 9.80 22.13 1.62
CA SER B 555 11.26 22.20 1.59
C SER B 555 11.88 20.82 1.39
N VAL B 556 11.24 19.99 0.58
CA VAL B 556 11.69 18.66 0.20
C VAL B 556 12.18 18.67 -1.24
N SER B 557 13.22 17.87 -1.52
CA SER B 557 13.62 17.56 -2.89
C SER B 557 13.70 16.05 -3.07
N ASN B 558 13.16 15.59 -4.21
CA ASN B 558 13.26 14.20 -4.64
C ASN B 558 12.49 13.27 -3.71
N LEU B 559 11.17 13.28 -3.84
CA LEU B 559 10.31 12.36 -3.12
C LEU B 559 9.37 11.66 -4.10
N VAL B 560 9.24 10.35 -3.97
CA VAL B 560 8.38 9.54 -4.84
C VAL B 560 7.38 8.81 -3.95
N PHE B 561 6.10 8.96 -4.26
CA PHE B 561 5.00 8.31 -3.56
C PHE B 561 4.32 7.39 -4.57
N GLU B 562 4.64 6.10 -4.53
CA GLU B 562 4.25 5.20 -5.61
C GLU B 562 3.87 3.84 -5.05
N ASN B 563 2.93 3.19 -5.74
CA ASN B 563 2.48 1.82 -5.47
C ASN B 563 1.98 1.65 -4.03
N ASN B 564 1.21 2.62 -3.56
CA ASN B 564 0.58 2.56 -2.25
C ASN B 564 -0.92 2.35 -2.40
N ILE B 565 -1.52 1.73 -1.40
CA ILE B 565 -2.96 1.51 -1.35
C ILE B 565 -3.53 2.43 -0.28
N ILE B 566 -4.48 3.28 -0.66
CA ILE B 566 -5.18 4.17 0.25
C ILE B 566 -6.64 3.76 0.30
N GLU B 567 -7.19 3.62 1.49
CA GLU B 567 -8.49 3.00 1.65
C GLU B 567 -9.26 3.70 2.74
N LYS B 568 -10.45 4.19 2.40
CA LYS B 568 -11.24 4.99 3.32
C LYS B 568 -11.89 4.09 4.37
N THR B 569 -11.94 4.59 5.60
CA THR B 569 -12.65 3.95 6.70
C THR B 569 -13.56 4.98 7.31
N THR B 570 -14.33 4.55 8.33
CA THR B 570 -15.19 5.44 9.12
C THR B 570 -14.88 5.31 10.61
N GLU B 571 -13.64 4.96 10.96
CA GLU B 571 -13.29 4.67 12.34
C GLU B 571 -13.52 5.87 13.26
N TYR B 572 -13.34 7.09 12.75
CA TYR B 572 -13.52 8.30 13.54
C TYR B 572 -14.30 9.32 12.72
N PRO B 573 -14.93 10.30 13.37
CA PRO B 573 -15.62 11.36 12.62
C PRO B 573 -14.69 12.09 11.67
N GLU B 574 -15.21 12.44 10.49
CA GLU B 574 -14.46 13.24 9.54
C GLU B 574 -14.37 14.69 10.00
N ARG B 575 -13.18 15.28 9.88
CA ARG B 575 -12.93 16.65 10.28
C ARG B 575 -13.03 17.56 9.06
N LYS B 576 -14.00 18.48 9.07
CA LYS B 576 -14.27 19.25 7.87
C LYS B 576 -13.12 20.18 7.47
N LYS B 577 -12.15 20.42 8.37
CA LYS B 577 -11.07 21.35 8.05
C LYS B 577 -10.12 20.80 6.99
N TYR B 578 -10.20 19.50 6.69
CA TYR B 578 -9.27 18.85 5.76
C TYR B 578 -10.01 18.35 4.51
N ASN B 579 -9.50 18.74 3.35
CA ASN B 579 -10.02 18.23 2.10
C ASN B 579 -8.90 18.07 1.07
N SER B 580 -7.83 17.38 1.47
CA SER B 580 -6.68 17.21 0.60
C SER B 580 -5.71 16.18 1.16
N LEU B 581 -5.52 15.07 0.45
CA LEU B 581 -4.58 14.04 0.89
C LEU B 581 -3.11 14.40 0.67
N PHE B 582 -2.81 15.36 -0.20
CA PHE B 582 -1.43 15.67 -0.56
C PHE B 582 -1.29 17.18 -0.56
N VAL B 583 -0.70 17.72 0.50
CA VAL B 583 -0.41 19.14 0.64
C VAL B 583 1.08 19.34 0.44
N ILE B 584 1.46 20.08 -0.60
CA ILE B 584 2.86 20.22 -0.94
C ILE B 584 3.17 21.67 -1.27
N ASN B 585 4.19 22.20 -0.61
CA ASN B 585 4.67 23.57 -0.76
C ASN B 585 6.18 23.55 -0.91
N ASN B 586 6.69 24.50 -1.69
CA ASN B 586 8.11 24.83 -1.66
C ASN B 586 8.98 23.59 -1.72
N SER B 587 8.73 22.76 -2.72
CA SER B 587 9.49 21.54 -2.91
C SER B 587 9.78 21.39 -4.39
N ASP B 588 10.52 20.34 -4.75
CA ASP B 588 10.80 20.09 -6.14
C ASP B 588 11.03 18.61 -6.33
N ASN B 589 10.79 18.14 -7.56
CA ASN B 589 10.95 16.73 -7.93
C ASN B 589 10.11 15.82 -7.04
N ILE B 590 8.83 16.15 -6.88
CA ILE B 590 7.86 15.35 -6.14
C ILE B 590 6.99 14.59 -7.14
N THR B 591 6.99 13.26 -7.04
CA THR B 591 6.15 12.40 -7.88
C THR B 591 5.07 11.76 -7.00
N ILE B 592 3.82 12.11 -7.23
CA ILE B 592 2.68 11.40 -6.65
C ILE B 592 2.17 10.50 -7.76
N SER B 593 2.60 9.24 -7.76
CA SER B 593 2.52 8.48 -8.99
C SER B 593 1.07 8.05 -9.28
N ILE B 594 0.83 7.78 -10.56
CA ILE B 594 -0.48 7.34 -11.01
C ILE B 594 -0.73 5.89 -10.59
N ASN B 595 0.31 5.15 -10.20
CA ASN B 595 0.14 3.75 -9.86
C ASN B 595 -0.23 3.54 -8.39
N ASN B 596 -0.62 4.59 -7.68
CA ASN B 596 -1.30 4.41 -6.40
C ASN B 596 -2.76 4.02 -6.61
N ILE B 597 -3.34 3.31 -5.64
CA ILE B 597 -4.70 2.81 -5.71
C ILE B 597 -5.50 3.43 -4.57
N LEU B 598 -6.69 3.94 -4.87
CA LEU B 598 -7.58 4.50 -3.86
C LEU B 598 -8.93 3.81 -3.91
N GLN B 599 -9.44 3.44 -2.74
CA GLN B 599 -10.71 2.76 -2.61
C GLN B 599 -11.59 3.51 -1.62
N GLY B 600 -12.89 3.60 -1.93
CA GLY B 600 -13.88 4.11 -1.00
C GLY B 600 -13.99 5.61 -0.86
N PHE B 601 -13.46 6.37 -1.79
CA PHE B 601 -13.62 7.82 -1.78
C PHE B 601 -14.66 8.23 -2.81
N SER B 602 -15.34 9.35 -2.55
CA SER B 602 -16.34 9.88 -3.47
C SER B 602 -15.72 10.39 -4.77
N GLU B 603 -14.63 11.15 -4.67
CA GLU B 603 -14.09 11.84 -5.83
C GLU B 603 -13.23 10.91 -6.68
N GLY B 604 -12.86 11.41 -7.87
CA GLY B 604 -12.08 10.63 -8.79
C GLY B 604 -10.60 10.59 -8.43
N LYS B 605 -9.93 9.58 -8.97
CA LYS B 605 -8.53 9.35 -8.63
C LYS B 605 -7.67 10.55 -8.99
N SER B 606 -8.05 11.29 -10.04
CA SER B 606 -7.21 12.39 -10.48
C SER B 606 -7.31 13.57 -9.54
N GLN B 607 -8.50 13.83 -9.01
CA GLN B 607 -8.64 14.84 -7.97
C GLN B 607 -7.88 14.42 -6.71
N LEU B 608 -8.04 13.17 -6.29
CA LEU B 608 -7.53 12.77 -4.99
C LEU B 608 -6.01 12.77 -4.96
N LEU B 609 -5.37 12.46 -6.07
CA LEU B 609 -3.93 12.40 -6.14
C LEU B 609 -3.29 13.73 -6.50
N SER B 610 -4.06 14.81 -6.55
CA SER B 610 -3.52 16.06 -7.04
C SER B 610 -3.16 16.97 -5.87
N PRO B 611 -1.91 17.38 -5.76
CA PRO B 611 -1.47 18.11 -4.55
C PRO B 611 -2.07 19.52 -4.50
N THR B 612 -2.42 19.94 -3.28
CA THR B 612 -2.81 21.31 -3.00
C THR B 612 -1.71 22.01 -2.20
N THR B 613 -1.79 23.34 -2.10
CA THR B 613 -0.94 24.07 -1.17
C THR B 613 -1.61 24.28 0.17
N THR B 614 -2.93 24.11 0.24
CA THR B 614 -3.73 24.34 1.44
C THR B 614 -4.37 23.03 1.90
N TYR B 615 -4.86 23.02 3.14
CA TYR B 615 -5.66 21.90 3.62
C TYR B 615 -6.92 21.73 2.79
N LYS B 616 -7.60 22.83 2.47
CA LYS B 616 -8.75 22.82 1.55
C LYS B 616 -8.38 23.58 0.27
#